data_8ZBA
#
_entry.id   8ZBA
#
_entity_poly.entity_id   1
_entity_poly.type   'polypeptide(L)'
_entity_poly.pdbx_seq_one_letter_code
;DQGCAINFGKRELKCGDGIFIFRDSDDWLNKYSYYPEDPVKLASIVKASFEEGKCGLNSVDSLEHEMWRSRADEINAIFE
ENEVDISVVVQDPKNVYQRGTHPFSRIRDGLQYGWKTWGKNLVFSPGRKNGSFIIDGKSRKECPFSNRVWNSFQIEEFGT
GVFTTRVYMDAVFEYTIDCDGSILGAAVNGKKSAHGSPTFWMGSHEVNGTWMIHTLEALDYKECEWPLTHTIGTSVEESE
MFMPRSIGGPVSSHNHIPGYKVQTNGPWMQVPLEVKREACPGTSVIIDGNCDGRGKSTRSTTDSGKVIPEWCCRSCTMPP
VSFHGSDGCWYPMEIRPRKTHESHLVRSWVTAHHHHHH
;
_entity_poly.pdbx_strand_id   A,B,a,b
#
# COMPACT_ATOMS: atom_id res chain seq x y z
N ASP A 1 -8.86 -4.29 4.91
CA ASP A 1 -8.44 -4.94 6.14
C ASP A 1 -7.10 -5.64 5.94
N GLN A 2 -6.75 -5.90 4.70
CA GLN A 2 -5.52 -6.60 4.37
C GLN A 2 -4.36 -5.65 4.14
N GLY A 3 -4.11 -4.76 5.10
CA GLY A 3 -3.01 -3.83 5.04
C GLY A 3 -2.00 -4.11 6.13
N CYS A 4 -0.87 -3.39 6.07
CA CYS A 4 0.17 -3.61 7.07
C CYS A 4 1.14 -2.43 7.12
N ALA A 5 1.91 -2.40 8.21
CA ALA A 5 2.89 -1.37 8.47
C ALA A 5 4.24 -1.77 7.89
N ILE A 6 5.25 -0.94 8.16
CA ILE A 6 6.59 -1.16 7.64
C ILE A 6 7.60 -0.87 8.75
N ASN A 7 8.80 -1.43 8.62
CA ASN A 7 9.85 -1.39 9.63
C ASN A 7 11.16 -0.93 9.01
N PHE A 8 11.12 0.20 8.30
CA PHE A 8 12.27 0.75 7.58
C PHE A 8 13.55 0.65 8.40
N GLY A 9 14.61 0.19 7.75
CA GLY A 9 15.87 -0.07 8.43
C GLY A 9 16.02 -1.49 8.89
N LYS A 10 15.00 -2.01 9.58
CA LYS A 10 14.99 -3.42 9.97
C LYS A 10 14.63 -4.33 8.81
N ARG A 11 13.92 -3.79 7.81
CA ARG A 11 13.54 -4.54 6.60
C ARG A 11 12.69 -5.77 6.96
N GLU A 12 11.53 -5.50 7.54
CA GLU A 12 10.61 -6.55 7.93
C GLU A 12 9.19 -6.02 7.87
N LEU A 13 8.23 -6.93 7.79
CA LEU A 13 6.82 -6.61 7.65
C LEU A 13 5.99 -7.49 8.58
N LYS A 14 4.78 -7.02 8.89
CA LYS A 14 3.78 -7.80 9.62
C LYS A 14 2.44 -7.53 8.95
N CYS A 15 2.07 -8.38 7.99
CA CYS A 15 0.88 -8.16 7.18
C CYS A 15 -0.18 -9.21 7.47
N GLY A 16 -1.38 -8.74 7.77
CA GLY A 16 -2.49 -9.62 8.09
C GLY A 16 -3.83 -8.91 8.09
N ASP A 17 -4.69 -9.27 9.05
CA ASP A 17 -6.02 -8.68 9.18
C ASP A 17 -6.06 -7.78 10.40
N GLY A 18 -7.05 -6.88 10.43
CA GLY A 18 -7.20 -5.99 11.57
C GLY A 18 -8.00 -4.76 11.18
N ILE A 19 -7.80 -3.70 11.96
CA ILE A 19 -8.46 -2.41 11.76
C ILE A 19 -7.40 -1.33 11.74
N PHE A 20 -7.48 -0.42 10.78
CA PHE A 20 -6.47 0.62 10.60
C PHE A 20 -7.14 1.98 10.49
N ILE A 21 -6.53 2.97 11.15
CA ILE A 21 -6.95 4.37 11.04
C ILE A 21 -5.73 5.20 10.66
N PHE A 22 -5.98 6.33 10.01
CA PHE A 22 -4.90 7.12 9.43
C PHE A 22 -5.14 8.61 9.67
N ARG A 23 -4.06 9.39 9.52
CA ARG A 23 -4.08 10.83 9.74
C ARG A 23 -3.93 11.65 8.46
N ASP A 24 -2.90 11.38 7.66
CA ASP A 24 -2.53 12.24 6.53
C ASP A 24 -3.12 11.78 5.21
N SER A 25 -4.29 11.14 5.24
CA SER A 25 -4.95 10.76 4.00
C SER A 25 -5.49 11.97 3.24
N ASP A 26 -5.65 13.10 3.94
CA ASP A 26 -6.16 14.35 3.36
C ASP A 26 -7.50 14.14 2.65
N LYS A 31 -9.89 15.18 -4.65
CA LYS A 31 -10.01 15.28 -3.21
C LYS A 31 -11.32 14.67 -2.71
N TYR A 32 -12.37 15.49 -2.69
CA TYR A 32 -13.69 15.06 -2.25
C TYR A 32 -14.74 15.58 -3.22
N SER A 33 -15.85 14.83 -3.34
CA SER A 33 -16.98 15.22 -4.18
C SER A 33 -18.24 14.70 -3.50
N TYR A 34 -18.89 15.56 -2.73
CA TYR A 34 -20.08 15.17 -1.99
C TYR A 34 -21.30 15.20 -2.90
N TYR A 35 -22.10 14.13 -2.82
CA TYR A 35 -23.30 13.99 -3.63
C TYR A 35 -24.51 13.92 -2.73
N PRO A 36 -25.42 14.89 -2.79
CA PRO A 36 -26.63 14.83 -1.94
C PRO A 36 -27.63 13.80 -2.44
N GLU A 37 -28.83 13.81 -1.86
CA GLU A 37 -29.90 12.93 -2.31
C GLU A 37 -30.07 12.97 -3.82
N ASP A 38 -30.49 14.11 -4.34
CA ASP A 38 -30.71 14.32 -5.77
C ASP A 38 -31.07 15.79 -5.97
N PRO A 39 -30.92 16.31 -7.20
CA PRO A 39 -31.28 17.71 -7.45
C PRO A 39 -32.77 18.00 -7.29
N VAL A 40 -33.62 16.98 -7.14
CA VAL A 40 -35.06 17.19 -7.12
C VAL A 40 -35.59 17.11 -5.69
N LYS A 41 -35.39 15.97 -5.02
CA LYS A 41 -36.00 15.76 -3.71
C LYS A 41 -35.44 16.73 -2.67
N LEU A 42 -34.13 17.00 -2.72
CA LEU A 42 -33.56 17.99 -1.81
C LEU A 42 -34.17 19.37 -2.04
N ALA A 43 -34.40 19.71 -3.31
CA ALA A 43 -35.06 20.98 -3.63
C ALA A 43 -36.45 21.03 -3.04
N SER A 44 -37.21 19.93 -3.15
CA SER A 44 -38.53 19.89 -2.56
C SER A 44 -38.46 20.03 -1.04
N ILE A 45 -37.48 19.39 -0.41
CA ILE A 45 -37.36 19.45 1.05
C ILE A 45 -37.06 20.86 1.51
N VAL A 46 -36.10 21.53 0.86
CA VAL A 46 -35.77 22.89 1.27
C VAL A 46 -36.91 23.85 0.95
N LYS A 47 -37.65 23.60 -0.14
CA LYS A 47 -38.82 24.41 -0.44
C LYS A 47 -39.88 24.26 0.66
N ALA A 48 -40.12 23.03 1.11
CA ALA A 48 -41.07 22.84 2.21
C ALA A 48 -40.58 23.49 3.48
N SER A 49 -39.28 23.41 3.75
CA SER A 49 -38.73 24.04 4.95
C SER A 49 -38.93 25.55 4.92
N PHE A 50 -38.70 26.17 3.76
CA PHE A 50 -38.98 27.60 3.62
C PHE A 50 -40.47 27.87 3.80
N GLU A 51 -41.33 27.00 3.26
CA GLU A 51 -42.76 27.19 3.37
C GLU A 51 -43.25 27.11 4.81
N GLU A 52 -42.63 26.30 5.66
CA GLU A 52 -43.08 26.11 7.03
C GLU A 52 -42.49 27.14 7.99
N GLY A 53 -41.72 28.10 7.48
CA GLY A 53 -41.22 29.17 8.33
C GLY A 53 -39.84 28.92 8.92
N LYS A 54 -38.88 28.61 8.06
CA LYS A 54 -37.48 28.51 8.45
C LYS A 54 -36.68 29.46 7.58
N CYS A 55 -35.97 30.40 8.21
CA CYS A 55 -35.24 31.42 7.46
C CYS A 55 -34.17 30.79 6.57
N GLY A 56 -33.36 29.91 7.14
CA GLY A 56 -32.26 29.32 6.40
C GLY A 56 -31.71 28.11 7.10
N LEU A 57 -30.45 27.81 6.82
CA LEU A 57 -29.77 26.63 7.29
C LEU A 57 -28.63 27.03 8.21
N ASN A 58 -27.80 26.06 8.58
CA ASN A 58 -26.55 26.34 9.29
C ASN A 58 -25.65 25.12 9.12
N SER A 59 -24.56 25.28 8.38
CA SER A 59 -23.64 24.18 8.18
C SER A 59 -23.01 23.76 9.50
N VAL A 60 -22.64 22.49 9.59
CA VAL A 60 -22.06 21.96 10.81
C VAL A 60 -20.59 21.59 10.65
N ASP A 61 -20.17 21.12 9.48
CA ASP A 61 -18.80 20.69 9.26
C ASP A 61 -18.34 21.16 7.89
N SER A 62 -17.02 21.16 7.69
CA SER A 62 -16.45 21.63 6.44
C SER A 62 -16.80 20.76 5.25
N LEU A 63 -17.56 19.67 5.44
CA LEU A 63 -18.03 18.87 4.32
C LEU A 63 -19.38 19.35 3.82
N GLU A 64 -20.32 19.58 4.75
CA GLU A 64 -21.65 20.06 4.37
C GLU A 64 -21.56 21.43 3.73
N HIS A 65 -20.72 22.31 4.28
CA HIS A 65 -20.59 23.64 3.70
C HIS A 65 -20.04 23.59 2.29
N GLU A 66 -19.03 22.73 2.05
CA GLU A 66 -18.50 22.60 0.70
C GLU A 66 -19.55 22.04 -0.26
N MET A 67 -20.32 21.05 0.21
CA MET A 67 -21.37 20.49 -0.63
C MET A 67 -22.41 21.55 -1.00
N TRP A 68 -22.81 22.37 -0.03
CA TRP A 68 -23.78 23.43 -0.31
C TRP A 68 -23.21 24.46 -1.27
N ARG A 69 -21.95 24.86 -1.06
CA ARG A 69 -21.33 25.83 -1.96
C ARG A 69 -21.26 25.29 -3.37
N SER A 70 -21.00 24.00 -3.53
CA SER A 70 -20.92 23.41 -4.86
C SER A 70 -22.28 23.24 -5.53
N ARG A 71 -23.33 22.91 -4.76
CA ARG A 71 -24.61 22.53 -5.35
C ARG A 71 -25.69 23.60 -5.25
N ALA A 72 -25.37 24.78 -4.71
CA ALA A 72 -26.37 25.84 -4.63
C ALA A 72 -26.82 26.29 -6.01
N ASP A 73 -25.90 26.40 -6.96
CA ASP A 73 -26.27 26.84 -8.30
C ASP A 73 -27.22 25.85 -8.97
N GLU A 74 -26.94 24.55 -8.84
CA GLU A 74 -27.83 23.56 -9.43
C GLU A 74 -29.18 23.54 -8.73
N ILE A 75 -29.19 23.76 -7.41
CA ILE A 75 -30.47 23.85 -6.69
C ILE A 75 -31.29 25.03 -7.22
N ASN A 76 -30.63 26.18 -7.44
CA ASN A 76 -31.34 27.34 -7.99
C ASN A 76 -31.84 27.06 -9.41
N ALA A 77 -31.04 26.35 -10.21
CA ALA A 77 -31.49 26.01 -11.55
C ALA A 77 -32.72 25.11 -11.53
N ILE A 78 -32.73 24.13 -10.62
CA ILE A 78 -33.91 23.27 -10.46
C ILE A 78 -35.10 24.08 -9.98
N PHE A 79 -34.86 25.05 -9.10
CA PHE A 79 -35.93 25.95 -8.68
C PHE A 79 -36.51 26.72 -9.86
N GLU A 80 -35.65 27.23 -10.74
CA GLU A 80 -36.13 27.96 -11.90
C GLU A 80 -36.93 27.06 -12.82
N GLU A 81 -36.46 25.83 -13.05
CA GLU A 81 -37.17 24.92 -13.93
C GLU A 81 -38.53 24.53 -13.34
N ASN A 82 -38.59 24.34 -12.03
CA ASN A 82 -39.84 23.97 -11.37
C ASN A 82 -40.71 25.17 -11.04
N GLU A 83 -40.27 26.39 -11.37
CA GLU A 83 -41.05 27.62 -11.18
C GLU A 83 -41.41 27.82 -9.71
N VAL A 84 -40.38 28.07 -8.90
CA VAL A 84 -40.55 28.44 -7.50
C VAL A 84 -39.61 29.61 -7.21
N ASP A 85 -40.08 30.55 -6.40
CA ASP A 85 -39.39 31.82 -6.18
C ASP A 85 -38.29 31.74 -5.14
N ILE A 86 -38.11 30.60 -4.47
CA ILE A 86 -37.10 30.49 -3.44
C ILE A 86 -35.71 30.53 -4.06
N SER A 87 -34.80 31.28 -3.43
CA SER A 87 -33.41 31.34 -3.85
C SER A 87 -32.51 31.19 -2.62
N VAL A 88 -31.41 30.47 -2.79
CA VAL A 88 -30.49 30.20 -1.70
C VAL A 88 -29.13 30.81 -2.04
N VAL A 89 -28.48 31.38 -1.02
CA VAL A 89 -27.16 31.97 -1.17
C VAL A 89 -26.26 31.38 -0.08
N VAL A 90 -25.01 31.12 -0.43
CA VAL A 90 -24.06 30.49 0.46
C VAL A 90 -23.05 31.55 0.89
N GLN A 91 -23.30 32.18 2.04
CA GLN A 91 -22.32 33.06 2.63
C GLN A 91 -21.14 32.23 3.14
N ASP A 92 -20.09 32.91 3.58
CA ASP A 92 -18.84 32.25 3.96
C ASP A 92 -18.41 32.65 5.36
N PRO A 93 -18.87 31.93 6.39
CA PRO A 93 -18.22 32.04 7.69
C PRO A 93 -16.80 31.51 7.57
N LYS A 94 -15.87 32.14 8.31
CA LYS A 94 -14.46 31.85 8.10
C LYS A 94 -14.16 30.39 8.41
N ASN A 95 -14.23 30.00 9.68
CA ASN A 95 -14.24 28.58 10.03
C ASN A 95 -15.12 28.31 11.24
N VAL A 96 -16.12 29.15 11.48
CA VAL A 96 -16.98 29.04 12.65
C VAL A 96 -18.39 28.66 12.18
N TYR A 97 -18.87 27.52 12.66
CA TYR A 97 -20.22 27.06 12.40
C TYR A 97 -20.95 26.89 13.73
N GLN A 98 -22.14 27.47 13.83
CA GLN A 98 -22.86 27.47 15.09
C GLN A 98 -24.15 26.67 14.97
N ARG A 99 -24.85 26.55 16.09
CA ARG A 99 -25.95 25.60 16.23
C ARG A 99 -27.26 26.19 15.75
N GLY A 100 -28.15 25.30 15.29
CA GLY A 100 -29.51 25.63 14.95
C GLY A 100 -30.51 25.11 15.96
N THR A 101 -31.75 24.95 15.52
CA THR A 101 -32.80 24.52 16.43
C THR A 101 -33.71 23.44 15.85
N HIS A 102 -33.86 23.40 14.52
CA HIS A 102 -34.87 22.52 13.94
C HIS A 102 -34.27 21.63 12.87
N PRO A 103 -34.82 20.42 12.70
CA PRO A 103 -34.40 19.55 11.60
C PRO A 103 -35.25 19.73 10.35
N PHE A 104 -34.91 19.00 9.28
CA PHE A 104 -35.71 19.07 8.07
C PHE A 104 -37.10 18.47 8.30
N SER A 105 -38.08 18.99 7.57
CA SER A 105 -39.43 18.47 7.63
C SER A 105 -39.69 17.46 6.51
N ARG A 106 -40.69 16.61 6.72
CA ARG A 106 -41.06 15.62 5.73
C ARG A 106 -41.69 16.29 4.51
N ILE A 107 -41.60 15.61 3.37
CA ILE A 107 -42.08 16.16 2.10
C ILE A 107 -43.60 16.17 2.12
N ARG A 108 -44.18 17.37 2.05
CA ARG A 108 -45.62 17.54 1.92
C ARG A 108 -46.41 16.83 3.03
N LYS A 129 -40.33 40.18 -5.58
CA LYS A 129 -40.67 39.28 -4.49
C LYS A 129 -39.73 38.08 -4.45
N ASN A 130 -38.43 38.36 -4.44
CA ASN A 130 -37.41 37.31 -4.40
C ASN A 130 -37.19 36.88 -2.96
N GLY A 131 -37.64 35.67 -2.62
CA GLY A 131 -37.42 35.16 -1.28
C GLY A 131 -35.97 34.82 -1.03
N SER A 132 -35.61 34.76 0.24
CA SER A 132 -34.23 34.52 0.66
C SER A 132 -34.17 33.33 1.60
N PHE A 133 -33.26 32.40 1.31
CA PHE A 133 -32.96 31.25 2.17
C PHE A 133 -31.44 31.18 2.29
N ILE A 134 -30.88 31.92 3.25
CA ILE A 134 -29.44 31.98 3.40
C ILE A 134 -28.92 30.68 3.97
N ILE A 135 -27.85 30.15 3.38
CA ILE A 135 -27.34 28.85 3.80
C ILE A 135 -26.65 28.95 5.15
N ASP A 136 -25.59 29.75 5.24
CA ASP A 136 -24.96 30.01 6.53
C ASP A 136 -24.35 31.40 6.46
N GLY A 137 -25.09 32.39 6.96
CA GLY A 137 -24.67 33.77 6.85
C GLY A 137 -24.66 34.53 8.16
N LYS A 138 -25.07 35.78 8.11
CA LYS A 138 -25.04 36.63 9.29
C LYS A 138 -26.16 36.25 10.26
N SER A 139 -26.01 36.71 11.51
CA SER A 139 -27.00 36.52 12.56
C SER A 139 -27.91 37.74 12.69
N ARG A 140 -28.24 38.37 11.57
CA ARG A 140 -29.00 39.63 11.55
C ARG A 140 -30.31 39.52 12.32
N LYS A 141 -30.84 40.66 12.76
CA LYS A 141 -32.11 40.73 13.49
C LYS A 141 -33.30 40.29 12.66
N GLU A 142 -33.09 39.87 11.41
CA GLU A 142 -34.18 39.30 10.62
C GLU A 142 -34.81 38.12 11.34
N CYS A 143 -33.99 37.18 11.82
CA CYS A 143 -34.44 36.10 12.68
C CYS A 143 -33.22 35.43 13.30
N PRO A 144 -33.31 34.97 14.54
CA PRO A 144 -32.16 34.31 15.17
C PRO A 144 -31.97 32.89 14.66
N PHE A 145 -31.06 32.15 15.29
CA PHE A 145 -30.83 30.75 14.92
C PHE A 145 -32.04 29.85 15.19
N SER A 146 -33.04 30.34 15.93
CA SER A 146 -34.20 29.51 16.26
C SER A 146 -34.89 28.99 15.01
N ASN A 147 -35.00 29.82 13.98
CA ASN A 147 -35.63 29.41 12.73
C ASN A 147 -34.57 29.03 11.69
N ARG A 148 -33.81 27.99 12.01
CA ARG A 148 -32.77 27.48 11.13
C ARG A 148 -32.63 25.98 11.32
N VAL A 149 -32.07 25.32 10.31
CA VAL A 149 -31.84 23.88 10.33
C VAL A 149 -30.35 23.63 10.37
N TRP A 150 -29.92 22.78 11.30
CA TRP A 150 -28.51 22.61 11.59
C TRP A 150 -27.95 21.26 11.18
N ASN A 151 -28.51 20.16 11.70
CA ASN A 151 -27.92 18.83 11.48
C ASN A 151 -29.04 17.89 11.04
N SER A 152 -29.18 17.73 9.74
CA SER A 152 -30.17 16.83 9.16
C SER A 152 -29.60 16.08 7.98
N PHE A 153 -28.37 15.56 8.13
CA PHE A 153 -27.70 14.82 7.08
C PHE A 153 -26.96 13.65 7.69
N GLN A 154 -27.05 12.50 7.02
CA GLN A 154 -26.36 11.28 7.45
C GLN A 154 -25.63 10.69 6.25
N ILE A 155 -24.36 10.35 6.45
CA ILE A 155 -23.50 9.85 5.38
C ILE A 155 -23.71 8.34 5.29
N GLU A 156 -24.46 7.91 4.28
CA GLU A 156 -24.73 6.48 4.13
C GLU A 156 -23.55 5.73 3.51
N GLU A 157 -22.78 6.38 2.65
CA GLU A 157 -21.63 5.76 2.01
C GLU A 157 -20.43 6.70 2.12
N PHE A 158 -19.25 6.10 2.32
CA PHE A 158 -18.05 6.87 2.44
C PHE A 158 -16.95 6.27 1.60
N GLY A 159 -16.13 7.12 1.01
CA GLY A 159 -15.03 6.64 0.20
C GLY A 159 -15.42 6.18 -1.18
N THR A 160 -15.03 4.97 -1.55
CA THR A 160 -15.33 4.40 -2.88
C THR A 160 -14.79 5.18 -4.05
N GLY A 161 -15.06 4.66 -5.24
CA GLY A 161 -14.66 5.38 -6.43
C GLY A 161 -13.20 5.59 -6.63
N VAL A 162 -12.86 6.48 -7.56
CA VAL A 162 -11.46 6.70 -7.89
C VAL A 162 -10.78 7.57 -6.89
N PHE A 163 -10.31 6.97 -5.80
CA PHE A 163 -9.55 7.73 -4.85
C PHE A 163 -10.12 9.12 -4.79
N THR A 164 -11.41 9.21 -4.54
CA THR A 164 -11.99 10.51 -4.37
C THR A 164 -12.85 10.42 -3.15
N THR A 165 -12.91 9.23 -2.55
CA THR A 165 -13.76 9.03 -1.42
C THR A 165 -15.04 9.83 -1.60
N ARG A 166 -15.80 9.55 -2.64
CA ARG A 166 -17.06 10.24 -2.82
C ARG A 166 -17.90 10.01 -1.60
N VAL A 167 -18.80 10.91 -1.30
CA VAL A 167 -19.64 10.86 -0.12
C VAL A 167 -21.08 11.14 -0.55
N TYR A 168 -21.97 10.20 -0.28
CA TYR A 168 -23.39 10.36 -0.56
C TYR A 168 -24.14 10.60 0.74
N MET A 169 -24.97 11.64 0.76
CA MET A 169 -25.65 12.07 1.96
C MET A 169 -27.15 11.88 1.80
N ASP A 170 -27.80 11.40 2.86
CA ASP A 170 -29.24 11.17 2.88
C ASP A 170 -29.87 12.08 3.92
N ALA A 171 -30.97 12.74 3.54
CA ALA A 171 -31.66 13.62 4.47
C ALA A 171 -32.24 12.82 5.64
N VAL A 172 -32.11 13.38 6.84
CA VAL A 172 -32.65 12.78 8.05
C VAL A 172 -33.51 13.83 8.74
N PHE A 173 -34.72 13.45 9.15
CA PHE A 173 -35.71 14.38 9.65
C PHE A 173 -35.92 14.22 11.16
N GLU A 174 -34.85 14.02 11.91
CA GLU A 174 -34.92 13.98 13.36
C GLU A 174 -33.77 14.76 13.95
N TYR A 175 -34.04 15.45 15.06
CA TYR A 175 -33.06 16.36 15.65
C TYR A 175 -32.17 15.59 16.64
N THR A 176 -30.88 15.54 16.33
CA THR A 176 -29.89 14.91 17.21
C THR A 176 -28.67 15.81 17.28
N ILE A 177 -28.08 15.89 18.46
CA ILE A 177 -26.94 16.76 18.70
C ILE A 177 -25.61 15.99 18.67
N ASP A 178 -25.58 14.84 18.01
CA ASP A 178 -24.37 14.03 17.89
C ASP A 178 -23.88 14.07 16.44
N CYS A 179 -22.55 14.03 16.29
CA CYS A 179 -21.95 14.08 14.96
C CYS A 179 -22.29 12.81 14.19
N ASP A 180 -21.91 12.80 12.91
CA ASP A 180 -22.15 11.64 12.06
C ASP A 180 -21.07 10.60 12.33
N GLY A 181 -21.48 9.38 12.66
CA GLY A 181 -20.56 8.34 13.08
C GLY A 181 -19.94 7.50 11.99
N SER A 182 -20.17 7.82 10.73
CA SER A 182 -19.65 7.03 9.63
C SER A 182 -18.32 7.54 9.09
N ILE A 183 -17.77 8.60 9.67
CA ILE A 183 -16.55 9.20 9.15
C ILE A 183 -15.54 9.40 10.28
N LEU A 184 -15.79 8.78 11.42
CA LEU A 184 -14.96 8.94 12.60
C LEU A 184 -14.04 7.73 12.76
N GLY A 185 -13.17 7.80 13.77
CA GLY A 185 -12.22 6.75 14.04
C GLY A 185 -11.50 6.93 15.35
N ALA A 186 -11.25 5.84 16.06
CA ALA A 186 -10.60 5.91 17.37
C ALA A 186 -9.91 4.58 17.63
N ALA A 187 -8.60 4.62 17.87
CA ALA A 187 -7.83 3.41 18.09
C ALA A 187 -6.93 3.58 19.30
N VAL A 188 -6.60 2.45 19.93
CA VAL A 188 -5.71 2.41 21.08
C VAL A 188 -4.75 1.24 20.87
N ASN A 189 -3.61 1.32 21.52
CA ASN A 189 -2.59 0.29 21.42
C ASN A 189 -1.83 0.25 22.74
N GLY A 190 -0.65 -0.35 22.75
CA GLY A 190 0.16 -0.31 23.94
C GLY A 190 0.70 1.08 24.22
N LYS A 191 0.12 1.74 25.22
CA LYS A 191 0.54 3.08 25.64
C LYS A 191 0.49 4.10 24.49
N LYS A 192 -0.51 3.97 23.62
CA LYS A 192 -0.76 4.95 22.57
C LYS A 192 -2.24 4.95 22.25
N SER A 193 -2.73 6.07 21.74
CA SER A 193 -4.13 6.16 21.31
C SER A 193 -4.28 7.35 20.39
N ALA A 194 -5.42 7.41 19.71
CA ALA A 194 -5.68 8.50 18.77
C ALA A 194 -7.17 8.54 18.47
N HIS A 195 -7.77 9.72 18.60
CA HIS A 195 -9.14 9.96 18.17
C HIS A 195 -9.10 10.70 16.84
N GLY A 196 -9.68 10.10 15.82
CA GLY A 196 -9.53 10.61 14.47
C GLY A 196 -10.78 11.23 13.89
N SER A 197 -10.60 12.01 12.82
CA SER A 197 -11.66 12.68 12.11
C SER A 197 -11.03 13.38 10.91
N PRO A 198 -11.81 13.68 9.86
CA PRO A 198 -11.23 14.41 8.73
C PRO A 198 -10.71 15.80 9.08
N THR A 199 -11.19 16.40 10.17
CA THR A 199 -10.76 17.74 10.60
C THR A 199 -10.44 17.76 12.09
N PHE A 200 -9.76 16.74 12.59
CA PHE A 200 -9.47 16.62 14.01
C PHE A 200 -8.51 15.46 14.21
N TRP A 201 -7.56 15.62 15.14
CA TRP A 201 -6.63 14.54 15.44
C TRP A 201 -6.04 14.77 16.83
N MET A 202 -6.44 13.94 17.80
CA MET A 202 -5.94 14.00 19.17
C MET A 202 -5.09 12.77 19.42
N GLY A 203 -3.83 12.99 19.77
CA GLY A 203 -2.92 11.88 20.00
C GLY A 203 -2.42 11.81 21.43
N SER A 204 -2.72 10.71 22.11
CA SER A 204 -2.39 10.57 23.52
C SER A 204 -1.36 9.45 23.70
N HIS A 205 -0.58 9.56 24.77
CA HIS A 205 0.35 8.51 25.15
C HIS A 205 0.41 8.44 26.67
N GLU A 206 0.84 7.29 27.17
CA GLU A 206 0.89 7.04 28.61
C GLU A 206 2.34 7.02 29.07
N VAL A 207 2.69 7.96 29.95
CA VAL A 207 4.01 8.01 30.56
C VAL A 207 3.83 8.24 32.07
N ASN A 208 4.51 7.42 32.87
CA ASN A 208 4.52 7.55 34.32
C ASN A 208 3.10 7.61 34.90
N GLY A 209 2.25 6.69 34.44
CA GLY A 209 0.91 6.59 34.97
C GLY A 209 -0.20 7.04 34.03
N THR A 210 -0.74 8.23 34.25
CA THR A 210 -1.92 8.68 33.55
C THR A 210 -1.60 8.99 32.08
N TRP A 211 -2.67 9.15 31.29
CA TRP A 211 -2.56 9.51 29.89
C TRP A 211 -2.48 11.03 29.74
N MET A 212 -1.92 11.47 28.62
CA MET A 212 -1.81 12.90 28.34
C MET A 212 -1.78 13.11 26.84
N ILE A 213 -2.22 14.29 26.41
CA ILE A 213 -2.21 14.65 25.00
C ILE A 213 -0.82 15.08 24.60
N HIS A 214 -0.38 14.64 23.43
CA HIS A 214 0.88 15.10 22.87
C HIS A 214 0.74 15.65 21.46
N THR A 215 -0.47 15.71 20.92
CA THR A 215 -0.71 16.28 19.60
C THR A 215 -2.20 16.56 19.49
N LEU A 216 -2.54 17.75 19.00
CA LEU A 216 -3.94 18.13 18.84
C LEU A 216 -4.03 19.15 17.71
N GLU A 217 -4.82 18.84 16.69
CA GLU A 217 -5.03 19.73 15.56
C GLU A 217 -6.52 19.78 15.25
N ALA A 218 -7.07 20.98 15.16
CA ALA A 218 -8.48 21.17 14.83
C ALA A 218 -8.57 22.21 13.72
N LEU A 219 -9.06 21.79 12.56
CA LEU A 219 -9.14 22.65 11.39
C LEU A 219 -10.47 23.35 11.25
N ASP A 220 -11.40 23.12 12.17
CA ASP A 220 -12.74 23.69 12.09
C ASP A 220 -13.17 24.29 13.42
N TYR A 221 -14.44 24.66 13.52
CA TYR A 221 -15.10 24.93 14.81
C TYR A 221 -16.53 24.42 14.68
N LYS A 222 -16.76 23.19 15.11
CA LYS A 222 -18.08 22.58 15.07
C LYS A 222 -18.77 22.73 16.43
N GLU A 223 -20.05 22.37 16.47
CA GLU A 223 -20.76 22.29 17.73
C GLU A 223 -21.57 21.01 17.84
N CYS A 224 -21.08 19.91 17.27
CA CYS A 224 -21.69 18.60 17.40
C CYS A 224 -20.90 17.79 18.42
N GLU A 225 -21.61 17.15 19.34
CA GLU A 225 -20.95 16.38 20.38
C GLU A 225 -20.42 15.06 19.82
N TRP A 226 -19.26 14.65 20.32
CA TRP A 226 -18.66 13.40 19.88
C TRP A 226 -19.55 12.23 20.29
N PRO A 227 -19.82 11.27 19.41
CA PRO A 227 -20.71 10.16 19.75
C PRO A 227 -20.15 9.36 20.91
N LEU A 228 -21.05 8.91 21.79
CA LEU A 228 -20.62 8.18 22.97
C LEU A 228 -20.10 6.80 22.64
N THR A 229 -20.44 6.26 21.47
CA THR A 229 -20.04 4.92 21.08
C THR A 229 -18.71 4.88 20.34
N HIS A 230 -18.02 6.01 20.23
CA HIS A 230 -16.71 6.05 19.57
C HIS A 230 -15.64 6.66 20.47
N THR A 231 -15.90 6.72 21.77
CA THR A 231 -14.94 7.23 22.74
C THR A 231 -14.23 6.07 23.41
N ILE A 232 -12.90 6.11 23.43
CA ILE A 232 -12.12 5.02 23.96
C ILE A 232 -11.99 5.19 25.47
N GLY A 233 -12.95 4.65 26.21
CA GLY A 233 -12.90 4.64 27.65
C GLY A 233 -13.56 5.87 28.24
N THR A 234 -14.75 5.71 28.81
CA THR A 234 -15.53 6.83 29.32
C THR A 234 -15.46 6.90 30.84
N SER A 235 -14.29 6.61 31.41
CA SER A 235 -14.08 6.71 32.85
C SER A 235 -13.54 8.10 33.20
N VAL A 236 -14.32 9.11 32.82
CA VAL A 236 -13.91 10.50 32.96
C VAL A 236 -15.09 11.30 33.47
N GLU A 237 -14.81 12.28 34.33
CA GLU A 237 -15.80 13.25 34.78
C GLU A 237 -15.64 14.53 33.97
N GLU A 238 -16.76 15.21 33.72
CA GLU A 238 -16.72 16.37 32.84
C GLU A 238 -16.19 17.60 33.56
N SER A 239 -15.04 17.45 34.22
CA SER A 239 -14.37 18.57 34.84
C SER A 239 -12.86 18.52 34.66
N GLU A 240 -12.33 17.53 33.95
CA GLU A 240 -10.91 17.41 33.68
C GLU A 240 -10.70 17.02 32.22
N MET A 241 -11.46 17.63 31.33
CA MET A 241 -11.34 17.40 29.90
C MET A 241 -10.78 18.66 29.25
N PHE A 242 -9.65 18.52 28.55
CA PHE A 242 -9.00 19.67 27.94
C PHE A 242 -9.92 20.29 26.88
N MET A 243 -10.24 19.54 25.83
CA MET A 243 -11.24 19.99 24.87
C MET A 243 -12.63 19.77 25.44
N PRO A 244 -13.50 20.78 25.43
CA PRO A 244 -14.82 20.62 26.07
C PRO A 244 -15.70 19.66 25.29
N ARG A 245 -16.91 19.49 25.80
CA ARG A 245 -17.85 18.54 25.20
C ARG A 245 -18.73 19.21 24.16
N SER A 246 -19.26 20.39 24.46
CA SER A 246 -20.16 21.07 23.53
C SER A 246 -19.43 21.49 22.26
N ILE A 247 -18.18 21.95 22.39
CA ILE A 247 -17.40 22.31 21.22
C ILE A 247 -17.19 21.12 20.31
N GLY A 248 -17.22 19.92 20.88
CA GLY A 248 -17.05 18.70 20.10
C GLY A 248 -15.70 18.08 20.36
N GLY A 249 -15.68 17.13 21.29
CA GLY A 249 -14.44 16.49 21.68
C GLY A 249 -14.73 15.23 22.46
N PRO A 250 -13.83 14.27 22.40
CA PRO A 250 -14.10 12.97 23.03
C PRO A 250 -14.31 13.12 24.53
N VAL A 251 -15.21 12.31 25.06
CA VAL A 251 -15.44 12.23 26.49
C VAL A 251 -14.67 10.98 26.95
N SER A 252 -13.41 11.18 27.31
CA SER A 252 -12.56 10.05 27.63
C SER A 252 -11.45 10.50 28.57
N SER A 253 -10.83 9.52 29.24
CA SER A 253 -9.70 9.80 30.10
C SER A 253 -8.43 10.12 29.31
N HIS A 254 -8.41 9.84 28.01
CA HIS A 254 -7.30 10.21 27.17
C HIS A 254 -7.28 11.69 26.83
N ASN A 255 -8.38 12.39 27.09
CA ASN A 255 -8.54 13.78 26.66
C ASN A 255 -8.27 14.72 27.84
N HIS A 256 -6.99 14.84 28.19
CA HIS A 256 -6.56 15.90 29.09
C HIS A 256 -5.05 16.00 29.07
N ILE A 257 -4.55 17.13 29.56
CA ILE A 257 -3.13 17.35 29.80
C ILE A 257 -2.97 17.58 31.29
N PRO A 258 -2.02 16.92 31.96
CA PRO A 258 -1.95 17.01 33.42
C PRO A 258 -1.72 18.44 33.90
N GLY A 259 -2.44 18.82 34.95
CA GLY A 259 -2.33 20.14 35.53
C GLY A 259 -3.24 21.19 34.94
N TYR A 260 -3.97 20.86 33.87
CA TYR A 260 -4.85 21.80 33.20
C TYR A 260 -6.29 21.31 33.23
N LYS A 261 -7.19 22.15 33.71
CA LYS A 261 -8.61 21.80 33.77
C LYS A 261 -9.26 22.15 32.44
N VAL A 262 -10.61 22.14 32.42
CA VAL A 262 -11.34 22.29 31.17
C VAL A 262 -11.19 23.71 30.64
N GLN A 263 -10.89 23.84 29.35
CA GLN A 263 -10.83 25.13 28.68
C GLN A 263 -12.16 25.39 27.98
N THR A 264 -13.14 25.87 28.76
CA THR A 264 -14.42 26.22 28.19
C THR A 264 -14.34 27.53 27.39
N ASN A 265 -13.59 28.51 27.89
CA ASN A 265 -13.36 29.76 27.18
C ASN A 265 -11.95 29.72 26.58
N GLY A 266 -11.83 28.97 25.49
CA GLY A 266 -10.54 28.77 24.87
C GLY A 266 -10.44 29.40 23.50
N PRO A 267 -9.25 29.36 22.92
CA PRO A 267 -9.03 29.88 21.56
C PRO A 267 -9.50 28.94 20.46
N TRP A 268 -10.69 28.37 20.64
CA TRP A 268 -11.18 27.33 19.74
C TRP A 268 -11.84 27.88 18.49
N MET A 269 -12.06 29.20 18.41
CA MET A 269 -12.79 29.80 17.31
C MET A 269 -11.87 30.27 16.17
N GLN A 270 -10.74 29.62 15.98
CA GLN A 270 -9.74 30.03 15.01
C GLN A 270 -9.65 29.06 13.85
N VAL A 271 -8.73 29.35 12.95
CA VAL A 271 -8.39 28.50 11.81
C VAL A 271 -7.57 27.33 12.35
N PRO A 272 -7.07 26.39 11.50
CA PRO A 272 -6.31 25.25 12.04
C PRO A 272 -5.38 25.56 13.21
N LEU A 273 -5.65 24.93 14.34
CA LEU A 273 -4.88 25.08 15.56
C LEU A 273 -3.83 23.97 15.65
N GLU A 274 -2.86 24.19 16.55
CA GLU A 274 -1.81 23.21 16.81
C GLU A 274 -1.43 23.37 18.29
N VAL A 275 -1.93 22.48 19.13
CA VAL A 275 -1.59 22.54 20.55
C VAL A 275 -0.14 22.10 20.71
N LYS A 276 0.74 23.06 21.01
CA LYS A 276 2.17 22.81 21.12
C LYS A 276 2.60 22.99 22.57
N ARG A 277 3.53 22.15 23.01
CA ARG A 277 4.05 22.19 24.38
C ARG A 277 5.37 22.96 24.38
N GLU A 278 5.27 24.28 24.31
CA GLU A 278 6.45 25.13 24.32
C GLU A 278 6.03 26.55 24.68
N ALA A 279 7.02 27.37 25.01
CA ALA A 279 6.80 28.76 25.35
C ALA A 279 6.57 29.57 24.07
N CYS A 280 6.54 30.89 24.19
CA CYS A 280 6.29 31.74 23.03
C CYS A 280 7.36 32.80 22.92
N PRO A 281 7.63 33.28 21.70
CA PRO A 281 8.74 34.22 21.51
C PRO A 281 8.59 35.47 22.38
N GLY A 282 9.71 35.93 22.93
CA GLY A 282 9.74 37.13 23.73
C GLY A 282 8.94 37.06 25.02
N THR A 283 8.54 35.87 25.46
CA THR A 283 7.73 35.70 26.65
C THR A 283 8.28 34.59 27.51
N SER A 284 8.05 34.71 28.82
CA SER A 284 8.47 33.70 29.79
C SER A 284 7.34 33.50 30.79
N VAL A 285 7.21 32.27 31.29
CA VAL A 285 6.17 31.93 32.25
C VAL A 285 6.83 31.44 33.53
N ILE A 286 6.42 32.01 34.65
CA ILE A 286 6.93 31.63 35.96
C ILE A 286 5.74 31.26 36.85
N ILE A 287 5.86 30.12 37.52
CA ILE A 287 4.78 29.64 38.39
C ILE A 287 4.74 30.52 39.63
N ASP A 288 3.63 31.24 39.79
CA ASP A 288 3.44 32.18 40.90
C ASP A 288 2.23 31.73 41.71
N GLY A 289 2.42 31.60 43.02
CA GLY A 289 1.35 31.15 43.90
C GLY A 289 0.54 32.29 44.46
N ASN A 290 0.72 33.50 43.92
CA ASN A 290 0.03 34.69 44.40
C ASN A 290 -1.01 35.21 43.43
N CYS A 291 -0.70 35.26 42.14
CA CYS A 291 -1.62 35.81 41.17
C CYS A 291 -2.82 34.88 40.97
N ASP A 292 -3.94 35.48 40.53
CA ASP A 292 -5.16 34.73 40.31
C ASP A 292 -5.13 34.04 38.95
N GLY A 293 -6.21 33.33 38.64
CA GLY A 293 -6.28 32.59 37.40
C GLY A 293 -7.68 32.20 36.99
N ARG A 294 -7.78 31.30 36.01
CA ARG A 294 -9.05 30.79 35.52
C ARG A 294 -9.94 31.93 34.99
N GLY A 295 -9.43 32.62 33.98
CA GLY A 295 -10.15 33.70 33.36
C GLY A 295 -10.53 33.41 31.92
N LYS A 296 -10.21 34.34 31.02
CA LYS A 296 -10.46 34.19 29.60
C LYS A 296 -9.14 34.25 28.85
N SER A 297 -9.08 33.55 27.72
CA SER A 297 -7.85 33.47 26.96
C SER A 297 -7.51 34.80 26.32
N THR A 298 -6.23 35.16 26.36
CA THR A 298 -5.72 36.38 25.76
C THR A 298 -4.49 36.06 24.93
N ARG A 299 -4.32 36.79 23.84
CA ARG A 299 -3.16 36.60 22.97
C ARG A 299 -1.88 36.95 23.72
N SER A 300 -0.78 36.28 23.36
CA SER A 300 0.50 36.60 23.95
C SER A 300 0.91 38.03 23.65
N THR A 301 0.72 38.46 22.41
CA THR A 301 0.95 39.84 22.03
C THR A 301 -0.30 40.66 22.32
N THR A 302 -0.33 41.89 21.83
CA THR A 302 -1.48 42.78 22.02
C THR A 302 -1.94 43.28 20.65
N ASP A 303 -2.96 44.13 20.66
CA ASP A 303 -3.48 44.69 19.42
C ASP A 303 -2.46 45.53 18.68
N SER A 304 -1.43 46.02 19.37
CA SER A 304 -0.35 46.78 18.76
C SER A 304 0.86 45.93 18.43
N GLY A 305 0.75 44.61 18.57
CA GLY A 305 1.88 43.73 18.29
C GLY A 305 3.02 43.84 19.28
N LYS A 306 2.72 43.95 20.57
CA LYS A 306 3.73 44.04 21.62
C LYS A 306 3.54 42.86 22.57
N VAL A 307 4.60 42.09 22.79
CA VAL A 307 4.52 40.95 23.68
C VAL A 307 4.52 41.42 25.13
N ILE A 308 3.97 40.58 26.00
CA ILE A 308 3.87 40.89 27.43
C ILE A 308 4.60 39.81 28.22
N PRO A 309 5.85 40.03 28.62
CA PRO A 309 6.61 38.99 29.34
C PRO A 309 6.48 39.11 30.85
N GLU A 310 5.24 39.01 31.34
CA GLU A 310 4.97 38.98 32.78
C GLU A 310 4.07 37.82 33.16
N TRP A 311 4.05 36.76 32.36
CA TRP A 311 3.08 35.69 32.52
C TRP A 311 3.28 34.94 33.83
N CYS A 312 2.19 34.64 34.50
CA CYS A 312 2.19 33.85 35.73
C CYS A 312 1.09 32.80 35.63
N CYS A 313 1.30 31.69 36.34
CA CYS A 313 0.28 30.67 36.44
C CYS A 313 0.17 30.17 37.88
N ARG A 314 -0.97 29.54 38.16
CA ARG A 314 -1.20 28.72 39.33
C ARG A 314 -0.56 27.36 39.06
N SER A 315 -1.04 26.30 39.67
CA SER A 315 -0.55 24.98 39.28
C SER A 315 -0.55 24.81 37.76
N CYS A 316 0.65 24.74 37.19
CA CYS A 316 0.91 24.40 35.80
C CYS A 316 2.17 23.54 35.76
N THR A 317 2.73 23.36 34.58
CA THR A 317 3.97 22.61 34.40
C THR A 317 5.06 23.55 33.91
N MET A 318 6.30 23.03 33.90
CA MET A 318 7.43 23.81 33.43
C MET A 318 7.30 24.20 31.96
N PRO A 319 6.98 23.30 31.03
CA PRO A 319 6.76 23.72 29.64
C PRO A 319 5.33 24.20 29.43
N PRO A 320 5.14 25.49 29.16
CA PRO A 320 3.77 25.98 28.95
C PRO A 320 3.21 25.53 27.61
N VAL A 321 1.89 25.52 27.53
CA VAL A 321 1.16 25.15 26.32
C VAL A 321 0.62 26.40 25.67
N SER A 322 0.48 26.37 24.34
CA SER A 322 0.04 27.57 23.61
C SER A 322 -0.59 27.15 22.30
N PHE A 323 -1.81 27.60 22.04
CA PHE A 323 -2.48 27.33 20.79
C PHE A 323 -1.95 28.25 19.70
N HIS A 324 -1.65 27.67 18.54
CA HIS A 324 -1.09 28.43 17.40
C HIS A 324 -2.17 28.55 16.33
N GLY A 325 -2.94 29.63 16.38
CA GLY A 325 -4.04 29.80 15.46
C GLY A 325 -3.80 30.88 14.41
N SER A 326 -4.83 31.69 14.15
CA SER A 326 -4.70 32.77 13.18
C SER A 326 -3.72 33.83 13.65
N ASP A 327 -3.83 34.24 14.91
CA ASP A 327 -3.08 35.35 15.45
C ASP A 327 -1.75 34.92 16.08
N GLY A 328 -1.44 33.64 16.05
CA GLY A 328 -0.21 33.16 16.64
C GLY A 328 -0.43 32.54 18.00
N CYS A 329 0.39 32.92 18.98
CA CYS A 329 0.26 32.37 20.32
C CYS A 329 -1.05 32.79 20.98
N TRP A 330 -1.66 31.85 21.69
CA TRP A 330 -2.77 32.13 22.57
C TRP A 330 -2.58 31.30 23.83
N TYR A 331 -2.81 31.90 24.98
CA TYR A 331 -2.59 31.12 26.18
C TYR A 331 -3.91 30.65 26.79
N PRO A 332 -3.92 29.49 27.44
CA PRO A 332 -5.15 28.99 28.04
C PRO A 332 -5.62 29.82 29.22
N MET A 333 -6.71 29.37 29.86
CA MET A 333 -7.31 30.13 30.95
C MET A 333 -6.48 30.11 32.23
N GLU A 334 -5.48 29.24 32.33
CA GLU A 334 -4.66 29.13 33.53
C GLU A 334 -3.47 30.09 33.53
N ILE A 335 -3.29 30.86 32.47
CA ILE A 335 -2.19 31.82 32.36
C ILE A 335 -2.79 33.21 32.24
N ARG A 336 -2.39 34.11 33.14
CA ARG A 336 -2.88 35.48 33.14
C ARG A 336 -1.71 36.45 33.09
N PRO A 337 -1.87 37.60 32.43
CA PRO A 337 -0.80 38.59 32.34
C PRO A 337 -0.73 39.49 33.58
N ASP B 1 10.53 -3.49 -3.99
CA ASP B 1 10.17 -4.56 -4.91
C ASP B 1 9.24 -5.57 -4.24
N GLN B 2 9.00 -5.37 -2.94
CA GLN B 2 8.12 -6.24 -2.17
C GLN B 2 6.69 -5.69 -2.12
N GLY B 3 6.13 -5.36 -3.28
CA GLY B 3 4.79 -4.83 -3.38
C GLY B 3 3.90 -5.71 -4.24
N CYS B 4 2.63 -5.31 -4.32
CA CYS B 4 1.67 -6.08 -5.09
C CYS B 4 0.43 -5.24 -5.38
N ALA B 5 -0.40 -5.76 -6.27
CA ALA B 5 -1.58 -5.09 -6.78
C ALA B 5 -2.84 -5.69 -6.19
N ILE B 6 -3.93 -4.94 -6.30
CA ILE B 6 -5.24 -5.34 -5.80
C ILE B 6 -6.27 -5.15 -6.90
N ASN B 7 -7.37 -5.91 -6.79
CA ASN B 7 -8.48 -5.80 -7.74
C ASN B 7 -9.77 -5.84 -6.92
N PHE B 8 -10.35 -4.66 -6.69
CA PHE B 8 -11.62 -4.58 -5.99
C PHE B 8 -12.72 -5.24 -6.82
N GLY B 9 -13.72 -5.78 -6.14
CA GLY B 9 -14.70 -6.61 -6.82
C GLY B 9 -14.34 -8.07 -6.71
N LYS B 10 -13.63 -8.60 -7.72
CA LYS B 10 -13.24 -10.00 -7.75
C LYS B 10 -12.47 -10.45 -6.51
N ARG B 11 -11.95 -9.52 -5.72
CA ARG B 11 -11.26 -9.83 -4.46
C ARG B 11 -10.02 -10.69 -4.71
N GLU B 12 -9.12 -10.18 -5.55
CA GLU B 12 -7.87 -10.85 -5.89
C GLU B 12 -6.70 -10.06 -5.32
N LEU B 13 -5.77 -10.76 -4.68
CA LEU B 13 -4.59 -10.14 -4.07
C LEU B 13 -3.40 -11.07 -4.29
N LYS B 14 -2.64 -10.81 -5.35
CA LYS B 14 -1.48 -11.61 -5.72
C LYS B 14 -0.22 -10.80 -5.40
N CYS B 15 0.58 -11.31 -4.47
CA CYS B 15 1.78 -10.61 -4.03
C CYS B 15 3.02 -11.44 -4.29
N GLY B 16 4.12 -10.75 -4.60
CA GLY B 16 5.38 -11.40 -4.92
C GLY B 16 6.53 -10.42 -5.05
N ASP B 17 7.35 -10.61 -6.07
CA ASP B 17 8.52 -9.77 -6.30
C ASP B 17 8.56 -9.35 -7.77
N GLY B 18 9.24 -8.25 -8.03
CA GLY B 18 9.35 -7.75 -9.39
C GLY B 18 9.83 -6.31 -9.40
N ILE B 19 9.51 -5.62 -10.49
CA ILE B 19 9.89 -4.22 -10.70
C ILE B 19 8.61 -3.42 -10.91
N PHE B 20 8.48 -2.31 -10.19
CA PHE B 20 7.25 -1.53 -10.16
C PHE B 20 7.53 -0.12 -10.64
N ILE B 21 6.65 0.39 -11.51
CA ILE B 21 6.65 1.79 -11.91
C ILE B 21 5.22 2.30 -11.82
N PHE B 22 5.06 3.52 -11.31
CA PHE B 22 3.75 4.07 -10.99
C PHE B 22 3.47 5.33 -11.79
N ARG B 23 2.19 5.69 -11.85
CA ARG B 23 1.73 6.90 -12.52
C ARG B 23 1.44 8.05 -11.57
N ASP B 24 1.01 7.75 -10.34
CA ASP B 24 0.73 8.81 -9.38
C ASP B 24 1.99 9.54 -8.91
N SER B 25 3.17 9.00 -9.22
CA SER B 25 4.40 9.75 -8.98
C SER B 25 4.50 10.96 -9.89
N ASP B 26 3.71 10.99 -10.97
CA ASP B 26 3.63 12.14 -11.86
C ASP B 26 2.59 13.16 -11.41
N ASP B 27 1.97 12.96 -10.24
CA ASP B 27 0.97 13.87 -9.70
C ASP B 27 1.55 14.84 -8.67
N TRP B 28 2.49 14.37 -7.84
CA TRP B 28 3.14 15.23 -6.85
C TRP B 28 4.28 15.99 -7.53
N LEU B 29 3.92 17.08 -8.20
CA LEU B 29 4.91 17.88 -8.90
C LEU B 29 5.87 18.56 -7.93
N ASN B 30 5.35 19.15 -6.86
CA ASN B 30 6.16 19.90 -5.90
C ASN B 30 6.12 19.17 -4.56
N LYS B 31 7.00 18.16 -4.43
CA LYS B 31 7.14 17.42 -3.18
C LYS B 31 8.60 17.13 -2.86
N TYR B 32 9.55 17.66 -3.63
CA TYR B 32 10.95 17.29 -3.53
C TYR B 32 11.79 18.51 -3.17
N SER B 33 12.73 18.32 -2.24
CA SER B 33 13.66 19.36 -1.81
C SER B 33 15.02 19.03 -2.42
N TYR B 34 15.28 19.58 -3.62
CA TYR B 34 16.50 19.25 -4.34
C TYR B 34 17.71 19.85 -3.63
N TYR B 35 18.73 19.01 -3.42
CA TYR B 35 19.93 19.39 -2.71
C TYR B 35 21.14 19.26 -3.64
N PRO B 36 21.87 20.34 -3.93
CA PRO B 36 23.10 20.19 -4.71
C PRO B 36 24.25 19.66 -3.86
N GLU B 37 25.43 19.49 -4.45
CA GLU B 37 26.61 19.04 -3.71
C GLU B 37 26.87 19.87 -2.47
N ASP B 38 27.11 21.17 -2.65
CA ASP B 38 27.44 22.04 -1.53
C ASP B 38 27.41 23.50 -1.97
N PRO B 39 27.08 24.43 -1.07
CA PRO B 39 27.03 25.84 -1.47
C PRO B 39 28.37 26.40 -1.90
N VAL B 40 29.48 25.79 -1.46
CA VAL B 40 30.80 26.39 -1.66
C VAL B 40 31.38 25.99 -3.01
N LYS B 41 31.50 24.68 -3.25
CA LYS B 41 32.16 24.23 -4.47
C LYS B 41 31.35 24.54 -5.71
N LEU B 42 30.01 24.49 -5.62
CA LEU B 42 29.20 24.83 -6.78
C LEU B 42 29.36 26.30 -7.16
N ALA B 43 29.41 27.18 -6.17
CA ALA B 43 29.64 28.60 -6.43
C ALA B 43 31.02 28.81 -7.06
N SER B 44 32.03 28.08 -6.57
CA SER B 44 33.35 28.19 -7.16
C SER B 44 33.35 27.73 -8.61
N ILE B 45 32.62 26.64 -8.91
CA ILE B 45 32.56 26.13 -10.27
C ILE B 45 31.89 27.12 -11.20
N VAL B 46 30.76 27.70 -10.76
CA VAL B 46 30.06 28.66 -11.62
C VAL B 46 30.89 29.92 -11.79
N LYS B 47 31.63 30.34 -10.74
CA LYS B 47 32.52 31.49 -10.88
C LYS B 47 33.63 31.19 -11.88
N ALA B 48 34.20 29.99 -11.82
CA ALA B 48 35.23 29.61 -12.78
C ALA B 48 34.68 29.59 -14.20
N SER B 49 33.46 29.10 -14.37
CA SER B 49 32.84 29.11 -15.71
C SER B 49 32.65 30.54 -16.20
N PHE B 50 32.17 31.44 -15.34
CA PHE B 50 32.01 32.83 -15.74
C PHE B 50 33.35 33.50 -16.00
N GLU B 51 34.42 33.00 -15.39
CA GLU B 51 35.75 33.57 -15.60
C GLU B 51 36.18 33.49 -17.06
N GLU B 52 35.81 32.42 -17.76
CA GLU B 52 36.21 32.21 -19.14
C GLU B 52 35.13 32.62 -20.14
N GLY B 53 34.29 33.60 -19.78
CA GLY B 53 33.33 34.16 -20.72
C GLY B 53 32.11 33.31 -20.98
N LYS B 54 31.32 33.06 -19.94
CA LYS B 54 30.03 32.37 -20.06
C LYS B 54 28.94 33.28 -19.56
N CYS B 55 27.91 33.48 -20.38
CA CYS B 55 26.82 34.37 -20.01
C CYS B 55 26.04 33.85 -18.82
N GLY B 56 25.65 32.57 -18.87
CA GLY B 56 24.87 31.99 -17.80
C GLY B 56 24.62 30.50 -17.93
N LEU B 57 23.44 30.07 -17.49
CA LEU B 57 23.10 28.65 -17.44
C LEU B 57 21.76 28.46 -18.14
N ASN B 58 21.22 27.24 -18.12
CA ASN B 58 19.89 26.99 -18.68
C ASN B 58 19.37 25.68 -18.07
N SER B 59 18.22 25.74 -17.41
CA SER B 59 17.66 24.56 -16.78
C SER B 59 17.21 23.56 -17.84
N VAL B 60 17.38 22.28 -17.51
CA VAL B 60 17.02 21.19 -18.42
C VAL B 60 15.73 20.50 -18.00
N ASP B 61 15.32 20.61 -16.74
CA ASP B 61 14.13 19.94 -16.23
C ASP B 61 13.25 20.96 -15.51
N SER B 62 12.09 20.50 -15.03
CA SER B 62 11.26 21.25 -14.12
C SER B 62 11.65 21.02 -12.67
N LEU B 63 12.79 20.38 -12.44
CA LEU B 63 13.36 20.15 -11.11
C LEU B 63 14.57 21.04 -10.84
N GLU B 64 15.42 21.24 -11.85
CA GLU B 64 16.54 22.16 -11.71
C GLU B 64 16.07 23.58 -11.44
N HIS B 65 14.93 23.96 -12.02
CA HIS B 65 14.39 25.30 -11.78
C HIS B 65 14.12 25.51 -10.29
N GLU B 66 13.41 24.57 -9.66
CA GLU B 66 13.13 24.70 -8.24
C GLU B 66 14.37 24.50 -7.39
N MET B 67 15.33 23.69 -7.85
CA MET B 67 16.60 23.58 -7.14
C MET B 67 17.28 24.94 -7.05
N TRP B 68 17.40 25.64 -8.19
CA TRP B 68 17.99 26.97 -8.18
C TRP B 68 17.15 27.96 -7.38
N ARG B 69 15.82 27.83 -7.47
CA ARG B 69 14.95 28.72 -6.71
C ARG B 69 15.16 28.58 -5.21
N SER B 70 15.39 27.35 -4.74
CA SER B 70 15.60 27.10 -3.32
C SER B 70 17.02 27.36 -2.86
N ARG B 71 18.01 27.29 -3.75
CA ARG B 71 19.40 27.48 -3.36
C ARG B 71 19.98 28.83 -3.79
N ALA B 72 19.20 29.71 -4.41
CA ALA B 72 19.71 31.02 -4.77
C ALA B 72 20.14 31.83 -3.56
N ASP B 73 19.41 31.71 -2.45
CA ASP B 73 19.78 32.42 -1.23
C ASP B 73 21.15 31.97 -0.73
N GLU B 74 21.38 30.66 -0.71
CA GLU B 74 22.66 30.13 -0.25
C GLU B 74 23.78 30.50 -1.21
N ILE B 75 23.50 30.50 -2.52
CA ILE B 75 24.52 30.91 -3.49
C ILE B 75 24.90 32.38 -3.28
N ASN B 76 23.90 33.23 -3.07
CA ASN B 76 24.17 34.65 -2.83
C ASN B 76 24.92 34.84 -1.51
N ALA B 77 24.59 34.05 -0.49
CA ALA B 77 25.31 34.13 0.77
C ALA B 77 26.77 33.74 0.60
N ILE B 78 27.04 32.69 -0.18
CA ILE B 78 28.42 32.29 -0.44
C ILE B 78 29.15 33.38 -1.22
N PHE B 79 28.47 33.99 -2.19
CA PHE B 79 29.08 35.09 -2.93
C PHE B 79 29.42 36.25 -2.02
N GLU B 80 28.52 36.59 -1.10
CA GLU B 80 28.76 37.69 -0.17
C GLU B 80 29.91 37.38 0.77
N GLU B 81 29.96 36.15 1.29
CA GLU B 81 31.02 35.77 2.22
C GLU B 81 32.36 35.61 1.53
N ASN B 82 32.38 35.34 0.22
CA ASN B 82 33.62 35.20 -0.52
C ASN B 82 34.19 36.53 -1.01
N GLU B 83 33.46 37.63 -0.80
CA GLU B 83 33.87 38.95 -1.28
C GLU B 83 34.13 38.92 -2.79
N VAL B 84 33.20 38.30 -3.51
CA VAL B 84 33.31 38.14 -4.95
C VAL B 84 32.19 38.92 -5.62
N ASP B 85 32.52 39.54 -6.77
CA ASP B 85 31.59 40.42 -7.46
C ASP B 85 30.51 39.67 -8.22
N ILE B 86 30.70 38.38 -8.50
CA ILE B 86 29.77 37.64 -9.34
C ILE B 86 28.43 37.48 -8.61
N SER B 87 27.34 37.59 -9.36
CA SER B 87 26.00 37.38 -8.84
C SER B 87 25.16 36.68 -9.90
N VAL B 88 24.14 35.96 -9.45
CA VAL B 88 23.27 35.19 -10.32
C VAL B 88 21.84 35.71 -10.19
N VAL B 89 21.14 35.80 -11.31
CA VAL B 89 19.74 36.20 -11.35
C VAL B 89 18.94 35.09 -12.01
N VAL B 90 17.78 34.80 -11.44
CA VAL B 90 16.92 33.70 -11.88
C VAL B 90 15.60 34.29 -12.34
N GLN B 91 15.38 34.29 -13.66
CA GLN B 91 14.10 34.68 -14.21
C GLN B 91 13.18 33.46 -14.25
N ASP B 92 11.99 33.60 -14.82
CA ASP B 92 10.97 32.55 -14.80
C ASP B 92 10.38 32.32 -16.18
N PRO B 93 11.04 31.53 -17.02
CA PRO B 93 10.37 31.01 -18.21
C PRO B 93 9.28 30.03 -17.79
N LYS B 94 8.20 30.01 -18.57
CA LYS B 94 7.03 29.21 -18.17
C LYS B 94 7.38 27.73 -18.11
N ASN B 95 7.65 27.13 -19.26
CA ASN B 95 8.15 25.76 -19.28
C ASN B 95 9.18 25.51 -20.37
N VAL B 96 9.59 26.52 -21.14
CA VAL B 96 10.37 26.29 -22.34
C VAL B 96 11.86 26.35 -21.99
N TYR B 97 12.60 25.34 -22.42
CA TYR B 97 14.05 25.30 -22.30
C TYR B 97 14.65 24.98 -23.66
N GLN B 98 15.89 25.42 -23.88
CA GLN B 98 16.54 25.19 -25.15
C GLN B 98 17.89 24.48 -24.97
N ARG B 99 18.66 24.37 -26.05
CA ARG B 99 19.90 23.60 -26.04
C ARG B 99 21.10 24.51 -25.84
N GLY B 100 21.95 24.13 -24.88
CA GLY B 100 23.21 24.80 -24.66
C GLY B 100 24.32 24.18 -25.49
N THR B 101 25.56 24.51 -25.12
CA THR B 101 26.70 24.02 -25.89
C THR B 101 27.82 23.48 -25.01
N HIS B 102 27.92 23.97 -23.77
CA HIS B 102 29.09 23.66 -22.97
C HIS B 102 28.69 23.10 -21.61
N PRO B 103 29.55 22.24 -21.03
CA PRO B 103 29.34 21.81 -19.64
C PRO B 103 29.99 22.75 -18.65
N PHE B 104 29.95 22.41 -17.37
CA PHE B 104 30.71 23.16 -16.38
C PHE B 104 32.19 23.13 -16.73
N SER B 105 32.85 24.29 -16.60
CA SER B 105 34.21 24.46 -17.07
C SER B 105 35.19 23.67 -16.21
N ARG B 106 36.38 23.45 -16.77
CA ARG B 106 37.44 22.73 -16.08
C ARG B 106 37.92 23.50 -14.85
N ILE B 107 38.35 22.75 -13.84
CA ILE B 107 38.83 23.32 -12.59
C ILE B 107 40.29 23.71 -12.80
N ARG B 108 40.58 25.01 -12.75
CA ARG B 108 41.93 25.55 -12.92
C ARG B 108 42.50 25.17 -14.28
N LYS B 129 30.82 46.34 -11.95
CA LYS B 129 30.60 46.23 -10.51
C LYS B 129 30.02 44.87 -10.15
N ASN B 130 28.71 44.80 -10.01
CA ASN B 130 28.04 43.55 -9.67
C ASN B 130 28.07 42.61 -10.86
N GLY B 131 28.36 41.33 -10.60
CA GLY B 131 28.43 40.34 -11.66
C GLY B 131 27.06 39.88 -12.12
N SER B 132 27.02 39.40 -13.36
CA SER B 132 25.78 38.93 -13.97
C SER B 132 25.94 37.49 -14.44
N PHE B 133 24.92 36.68 -14.14
CA PHE B 133 24.91 35.28 -14.58
C PHE B 133 23.45 34.83 -14.57
N ILE B 134 22.83 34.80 -15.76
CA ILE B 134 21.41 34.46 -15.88
C ILE B 134 21.27 32.94 -15.82
N ILE B 135 20.62 32.45 -14.77
CA ILE B 135 20.42 31.01 -14.62
C ILE B 135 19.45 30.49 -15.68
N ASP B 136 18.32 31.19 -15.85
CA ASP B 136 17.34 30.81 -16.86
C ASP B 136 16.31 31.92 -17.07
N GLY B 137 15.98 32.21 -18.32
CA GLY B 137 15.02 33.26 -18.61
C GLY B 137 15.13 33.69 -20.06
N LYS B 138 14.64 34.90 -20.33
CA LYS B 138 14.73 35.45 -21.68
C LYS B 138 16.18 35.75 -22.01
N SER B 139 16.66 35.17 -23.12
CA SER B 139 18.04 35.33 -23.54
C SER B 139 18.22 36.69 -24.17
N ARG B 140 19.06 37.53 -23.56
CA ARG B 140 19.30 38.86 -24.09
C ARG B 140 20.08 38.79 -25.41
N LYS B 141 20.12 39.92 -26.11
CA LYS B 141 20.85 40.03 -27.35
C LYS B 141 22.36 40.12 -27.14
N GLU B 142 22.82 40.09 -25.90
CA GLU B 142 24.26 40.14 -25.61
C GLU B 142 24.97 38.94 -26.22
N CYS B 143 24.38 37.75 -26.10
CA CYS B 143 25.00 36.52 -26.56
C CYS B 143 23.91 35.50 -26.85
N PRO B 144 24.17 34.54 -27.73
CA PRO B 144 23.19 33.47 -27.94
C PRO B 144 23.29 32.40 -26.85
N PHE B 145 22.53 31.31 -26.99
CA PHE B 145 22.60 30.22 -26.03
C PHE B 145 23.92 29.48 -26.07
N SER B 146 24.77 29.75 -27.06
CA SER B 146 26.06 29.07 -27.14
C SER B 146 26.92 29.38 -25.92
N ASN B 147 26.90 30.62 -25.44
CA ASN B 147 27.69 31.00 -24.28
C ASN B 147 26.95 30.67 -22.99
N ARG B 148 26.47 29.44 -22.87
CA ARG B 148 25.76 29.00 -21.67
C ARG B 148 26.06 27.53 -21.43
N VAL B 149 25.81 27.10 -20.20
CA VAL B 149 25.95 25.71 -19.78
C VAL B 149 24.56 25.12 -19.62
N TRP B 150 24.37 23.91 -20.13
CA TRP B 150 23.04 23.28 -20.17
C TRP B 150 22.94 22.03 -19.32
N ASN B 151 23.79 21.03 -19.55
CA ASN B 151 23.66 19.72 -18.90
C ASN B 151 24.96 19.35 -18.20
N SER B 152 24.99 19.52 -16.89
CA SER B 152 26.15 19.13 -16.09
C SER B 152 25.73 18.54 -14.75
N PHE B 153 24.51 18.04 -14.65
CA PHE B 153 23.98 17.51 -13.39
C PHE B 153 23.62 16.04 -13.55
N GLN B 154 24.03 15.24 -12.59
CA GLN B 154 23.73 13.81 -12.55
C GLN B 154 23.09 13.47 -11.22
N ILE B 155 22.00 12.72 -11.25
CA ILE B 155 21.34 12.27 -10.03
C ILE B 155 21.99 10.96 -9.59
N GLU B 156 22.61 10.98 -8.41
CA GLU B 156 23.20 9.77 -7.85
C GLU B 156 22.25 9.00 -6.97
N GLU B 157 21.28 9.67 -6.36
CA GLU B 157 20.31 9.04 -5.48
C GLU B 157 19.01 9.82 -5.56
N PHE B 158 17.89 9.13 -5.38
CA PHE B 158 16.58 9.72 -5.61
C PHE B 158 15.87 10.14 -4.35
N GLY B 159 15.78 9.29 -3.34
CA GLY B 159 15.08 9.65 -2.12
C GLY B 159 15.53 8.91 -0.88
N THR B 160 15.88 9.67 0.17
CA THR B 160 16.28 9.08 1.44
C THR B 160 15.32 9.41 2.57
N GLY B 161 14.25 10.16 2.30
CA GLY B 161 13.27 10.44 3.33
C GLY B 161 12.44 9.22 3.67
N VAL B 162 11.89 9.23 4.89
CA VAL B 162 11.09 8.10 5.35
C VAL B 162 9.82 7.97 4.52
N PHE B 163 9.17 9.09 4.21
CA PHE B 163 7.98 9.05 3.37
C PHE B 163 8.08 10.09 2.26
N THR B 164 8.74 11.21 2.54
CA THR B 164 8.98 12.23 1.52
C THR B 164 10.19 11.85 0.68
N THR B 165 10.48 12.68 -0.32
CA THR B 165 11.55 12.38 -1.29
C THR B 165 12.44 13.61 -1.43
N ARG B 166 13.63 13.54 -0.85
CA ARG B 166 14.66 14.56 -1.03
C ARG B 166 15.66 14.08 -2.09
N VAL B 167 16.02 14.99 -2.99
CA VAL B 167 16.81 14.65 -4.17
C VAL B 167 18.20 15.25 -4.02
N TYR B 168 19.22 14.42 -4.16
CA TYR B 168 20.61 14.86 -4.22
C TYR B 168 21.07 14.93 -5.66
N MET B 169 22.08 15.76 -5.92
CA MET B 169 22.58 15.95 -7.26
C MET B 169 24.10 15.91 -7.25
N ASP B 170 24.67 15.59 -8.41
CA ASP B 170 26.13 15.46 -8.57
C ASP B 170 26.60 16.44 -9.64
N ALA B 171 27.91 16.59 -9.72
CA ALA B 171 28.53 17.42 -10.75
C ALA B 171 29.07 16.54 -11.87
N VAL B 172 28.99 17.05 -13.10
CA VAL B 172 29.47 16.35 -14.28
C VAL B 172 30.31 17.32 -15.10
N PHE B 173 31.49 16.85 -15.54
CA PHE B 173 32.44 17.69 -16.25
C PHE B 173 32.51 17.35 -17.73
N GLU B 174 31.40 16.91 -18.33
CA GLU B 174 31.36 16.60 -19.75
C GLU B 174 29.97 16.91 -20.30
N TYR B 175 29.91 17.16 -21.60
CA TYR B 175 28.66 17.53 -22.27
C TYR B 175 28.01 16.29 -22.88
N THR B 176 26.84 15.93 -22.37
CA THR B 176 26.10 14.78 -22.84
C THR B 176 24.68 15.20 -23.18
N ILE B 177 24.24 14.91 -24.42
CA ILE B 177 22.92 15.32 -24.87
C ILE B 177 21.81 14.42 -24.36
N ASP B 178 22.14 13.36 -23.63
CA ASP B 178 21.14 12.46 -23.10
C ASP B 178 20.68 12.92 -21.72
N CYS B 179 19.51 12.43 -21.31
CA CYS B 179 19.00 12.71 -19.97
C CYS B 179 19.77 11.84 -18.98
N ASP B 180 19.35 11.86 -17.72
CA ASP B 180 19.94 11.02 -16.69
C ASP B 180 18.94 9.92 -16.34
N GLY B 181 19.43 8.70 -16.26
CA GLY B 181 18.58 7.54 -16.11
C GLY B 181 18.17 7.19 -14.69
N SER B 182 18.54 7.99 -13.70
CA SER B 182 18.23 7.64 -12.32
C SER B 182 16.79 7.90 -11.94
N ILE B 183 16.00 8.57 -12.78
CA ILE B 183 14.62 8.92 -12.47
C ILE B 183 13.62 8.35 -13.47
N LEU B 184 14.08 7.69 -14.52
CA LEU B 184 13.21 7.21 -15.58
C LEU B 184 12.61 5.86 -15.21
N GLY B 185 11.83 5.30 -16.13
CA GLY B 185 11.20 4.01 -15.90
C GLY B 185 10.36 3.55 -17.07
N ALA B 186 10.36 2.24 -17.35
CA ALA B 186 9.65 1.71 -18.52
C ALA B 186 9.41 0.23 -18.32
N ALA B 187 8.14 -0.18 -18.26
CA ALA B 187 7.77 -1.58 -18.06
C ALA B 187 6.73 -2.00 -19.08
N VAL B 188 6.76 -3.29 -19.43
CA VAL B 188 5.83 -3.87 -20.37
C VAL B 188 5.22 -5.11 -19.72
N ASN B 189 4.01 -5.44 -20.16
CA ASN B 189 3.27 -6.58 -19.62
C ASN B 189 2.46 -7.19 -20.75
N GLY B 190 1.45 -7.97 -20.41
CA GLY B 190 0.58 -8.50 -21.44
C GLY B 190 -0.22 -7.43 -22.14
N LYS B 191 0.16 -7.10 -23.38
CA LYS B 191 -0.53 -6.12 -24.20
C LYS B 191 -0.67 -4.77 -23.50
N LYS B 192 0.35 -4.37 -22.75
CA LYS B 192 0.38 -3.09 -22.05
C LYS B 192 1.82 -2.67 -21.86
N SER B 193 2.06 -1.36 -21.89
CA SER B 193 3.39 -0.84 -21.60
C SER B 193 3.27 0.61 -21.18
N ALA B 194 4.34 1.13 -20.58
CA ALA B 194 4.35 2.49 -20.07
C ALA B 194 5.79 2.98 -19.96
N HIS B 195 5.99 4.25 -20.26
CA HIS B 195 7.29 4.91 -20.10
C HIS B 195 7.11 6.04 -19.10
N GLY B 196 7.61 5.85 -17.89
CA GLY B 196 7.42 6.81 -16.83
C GLY B 196 8.53 7.84 -16.75
N SER B 197 8.25 8.91 -16.00
CA SER B 197 9.15 10.02 -15.77
C SER B 197 8.49 10.93 -14.73
N PRO B 198 9.27 11.70 -13.95
CA PRO B 198 8.63 12.59 -12.96
C PRO B 198 7.74 13.65 -13.57
N THR B 199 7.91 13.97 -14.85
CA THR B 199 7.13 15.01 -15.52
C THR B 199 6.56 14.51 -16.85
N PHE B 200 6.30 13.21 -16.95
CA PHE B 200 5.92 12.63 -18.23
C PHE B 200 5.40 11.21 -18.00
N TRP B 201 4.38 10.82 -18.78
CA TRP B 201 3.83 9.48 -18.68
C TRP B 201 3.15 9.12 -19.99
N MET B 202 3.65 8.08 -20.65
CA MET B 202 3.09 7.58 -21.89
C MET B 202 2.55 6.17 -21.67
N GLY B 203 1.27 5.97 -21.94
CA GLY B 203 0.65 4.68 -21.77
C GLY B 203 0.14 4.10 -23.07
N SER B 204 0.48 2.84 -23.35
CA SER B 204 0.14 2.21 -24.61
C SER B 204 -0.60 0.90 -24.35
N HIS B 205 -1.28 0.43 -25.39
CA HIS B 205 -1.87 -0.90 -25.39
C HIS B 205 -1.96 -1.37 -26.84
N GLU B 206 -2.10 -2.68 -27.02
CA GLU B 206 -2.16 -3.29 -28.33
C GLU B 206 -3.53 -3.91 -28.53
N VAL B 207 -4.23 -3.47 -29.57
CA VAL B 207 -5.53 -4.04 -29.94
C VAL B 207 -5.55 -4.26 -31.44
N ASN B 208 -5.84 -5.50 -31.85
CA ASN B 208 -5.96 -5.88 -33.26
C ASN B 208 -4.76 -5.40 -34.07
N GLY B 209 -3.58 -5.92 -33.72
CA GLY B 209 -2.39 -5.61 -34.47
C GLY B 209 -1.24 -5.07 -33.65
N THR B 210 -0.86 -3.82 -33.90
CA THR B 210 0.32 -3.21 -33.32
C THR B 210 -0.05 -2.42 -32.07
N TRP B 211 0.91 -1.67 -31.54
CA TRP B 211 0.71 -0.88 -30.34
C TRP B 211 0.27 0.53 -30.69
N MET B 212 -0.38 1.20 -29.73
CA MET B 212 -0.85 2.56 -29.93
C MET B 212 -0.95 3.27 -28.59
N ILE B 213 -0.77 4.59 -28.62
CA ILE B 213 -0.85 5.40 -27.41
C ILE B 213 -2.31 5.63 -27.06
N HIS B 214 -2.65 5.42 -25.79
CA HIS B 214 -3.99 5.75 -25.32
C HIS B 214 -4.00 6.78 -24.20
N THR B 215 -2.88 7.02 -23.55
CA THR B 215 -2.76 8.06 -22.53
C THR B 215 -1.38 8.66 -22.64
N LEU B 216 -1.30 9.99 -22.66
CA LEU B 216 -0.02 10.68 -22.81
C LEU B 216 -0.12 12.03 -22.14
N GLU B 217 0.50 12.16 -20.98
CA GLU B 217 0.56 13.42 -20.24
C GLU B 217 1.96 13.99 -20.37
N ALA B 218 2.06 15.21 -20.87
CA ALA B 218 3.31 15.95 -20.92
C ALA B 218 3.12 17.26 -20.17
N LEU B 219 4.04 17.56 -19.24
CA LEU B 219 3.89 18.71 -18.38
C LEU B 219 4.91 19.81 -18.65
N ASP B 220 6.00 19.52 -19.34
CA ASP B 220 7.02 20.51 -19.64
C ASP B 220 7.49 20.30 -21.08
N TYR B 221 8.40 21.16 -21.53
CA TYR B 221 9.06 21.01 -22.81
C TYR B 221 10.56 20.90 -22.53
N LYS B 222 11.01 19.68 -22.29
CA LYS B 222 12.43 19.43 -22.12
C LYS B 222 13.10 19.29 -23.49
N GLU B 223 14.43 19.21 -23.47
CA GLU B 223 15.17 19.01 -24.71
C GLU B 223 16.28 17.98 -24.57
N CYS B 224 16.34 17.24 -23.46
CA CYS B 224 17.27 16.13 -23.34
C CYS B 224 16.69 14.91 -24.02
N GLU B 225 17.54 14.17 -24.72
CA GLU B 225 17.09 12.99 -25.47
C GLU B 225 16.96 11.78 -24.55
N TRP B 226 15.88 11.03 -24.73
CA TRP B 226 15.63 9.84 -23.94
C TRP B 226 16.74 8.82 -24.18
N PRO B 227 17.30 8.22 -23.14
CA PRO B 227 18.44 7.31 -23.33
C PRO B 227 18.05 6.11 -24.15
N LEU B 228 19.01 5.61 -24.94
CA LEU B 228 18.76 4.44 -25.77
C LEU B 228 18.65 3.17 -24.94
N THR B 229 19.13 3.17 -23.69
CA THR B 229 19.14 1.99 -22.85
C THR B 229 17.89 1.87 -21.99
N HIS B 230 16.92 2.76 -22.14
CA HIS B 230 15.67 2.69 -21.38
C HIS B 230 14.44 2.62 -22.29
N THR B 231 14.63 2.23 -23.54
CA THR B 231 13.54 2.12 -24.51
C THR B 231 13.17 0.66 -24.71
N ILE B 232 11.91 0.33 -24.48
CA ILE B 232 11.43 -1.05 -24.57
C ILE B 232 11.25 -1.36 -26.06
N GLY B 233 12.24 -2.01 -26.64
CA GLY B 233 12.16 -2.41 -28.04
C GLY B 233 12.61 -1.32 -28.98
N THR B 234 13.62 -1.61 -29.81
CA THR B 234 14.15 -0.65 -30.76
C THR B 234 13.89 -1.16 -32.18
N SER B 235 12.70 -1.72 -32.40
CA SER B 235 12.27 -2.14 -33.74
C SER B 235 11.45 -1.04 -34.40
N VAL B 236 12.06 0.16 -34.45
CA VAL B 236 11.38 1.32 -34.98
C VAL B 236 12.43 2.26 -35.56
N GLU B 237 12.02 3.09 -36.50
CA GLU B 237 12.89 4.08 -37.12
C GLU B 237 12.34 5.48 -36.87
N GLU B 238 13.15 6.48 -37.25
CA GLU B 238 12.76 7.88 -37.06
C GLU B 238 11.85 8.32 -38.19
N SER B 239 10.77 7.58 -38.43
CA SER B 239 9.86 7.89 -39.53
C SER B 239 8.43 8.06 -39.04
N GLU B 240 8.02 7.25 -38.07
CA GLU B 240 6.66 7.24 -37.56
C GLU B 240 6.66 7.25 -36.04
N MET B 241 7.43 8.15 -35.45
CA MET B 241 7.44 8.35 -34.01
C MET B 241 6.63 9.60 -33.68
N PHE B 242 5.64 9.44 -32.80
CA PHE B 242 4.76 10.56 -32.45
C PHE B 242 5.57 11.69 -31.82
N MET B 243 6.09 11.46 -30.62
CA MET B 243 6.92 12.47 -29.96
C MET B 243 8.34 12.42 -30.53
N PRO B 244 8.86 13.54 -31.03
CA PRO B 244 10.19 13.51 -31.65
C PRO B 244 11.27 13.18 -30.64
N ARG B 245 12.37 12.62 -31.15
CA ARG B 245 13.48 12.25 -30.27
C ARG B 245 14.11 13.47 -29.62
N SER B 246 14.28 14.55 -30.38
CA SER B 246 14.95 15.73 -29.85
C SER B 246 14.14 16.39 -28.73
N ILE B 247 12.81 16.42 -28.88
CA ILE B 247 11.96 17.00 -27.85
C ILE B 247 12.08 16.22 -26.54
N GLY B 248 12.45 14.94 -26.63
CA GLY B 248 12.54 14.09 -25.46
C GLY B 248 11.41 13.08 -25.45
N GLY B 249 11.69 11.90 -25.99
CA GLY B 249 10.67 10.88 -26.15
C GLY B 249 11.30 9.57 -26.58
N PRO B 250 10.75 8.46 -26.09
CA PRO B 250 11.38 7.16 -26.32
C PRO B 250 11.45 6.81 -27.80
N VAL B 251 12.56 6.22 -28.21
CA VAL B 251 12.70 5.70 -29.57
C VAL B 251 12.28 4.24 -29.51
N SER B 252 10.97 4.02 -29.57
CA SER B 252 10.42 2.68 -29.45
C SER B 252 9.14 2.58 -30.24
N SER B 253 8.80 1.35 -30.62
CA SER B 253 7.59 1.10 -31.39
C SER B 253 6.32 1.39 -30.60
N HIS B 254 6.40 1.50 -29.27
CA HIS B 254 5.25 1.83 -28.45
C HIS B 254 4.86 3.30 -28.54
N ASN B 255 5.73 4.14 -29.08
CA ASN B 255 5.53 5.58 -29.08
C ASN B 255 5.02 6.06 -30.44
N HIS B 256 3.81 5.63 -30.78
CA HIS B 256 3.17 6.09 -32.01
C HIS B 256 1.68 5.78 -31.95
N ILE B 257 0.93 6.46 -32.82
CA ILE B 257 -0.50 6.25 -33.00
C ILE B 257 -0.74 5.99 -34.48
N PRO B 258 -1.40 4.89 -34.85
CA PRO B 258 -1.60 4.61 -36.28
C PRO B 258 -2.45 5.68 -36.95
N GLY B 259 -2.10 5.97 -38.21
CA GLY B 259 -2.80 6.96 -38.99
C GLY B 259 -2.25 8.37 -38.86
N TYR B 260 -1.47 8.65 -37.82
CA TYR B 260 -0.89 9.96 -37.60
C TYR B 260 0.63 9.84 -37.63
N LYS B 261 1.27 10.56 -38.54
CA LYS B 261 2.70 10.44 -38.74
C LYS B 261 3.45 11.27 -37.69
N VAL B 262 4.75 11.48 -37.91
CA VAL B 262 5.59 12.14 -36.92
C VAL B 262 5.08 13.54 -36.64
N GLN B 263 5.06 13.92 -35.36
CA GLN B 263 4.68 15.26 -34.95
C GLN B 263 5.93 16.10 -34.71
N THR B 264 6.63 16.38 -35.81
CA THR B 264 7.87 17.14 -35.72
C THR B 264 7.62 18.60 -35.32
N ASN B 265 6.42 19.12 -35.60
CA ASN B 265 6.04 20.48 -35.23
C ASN B 265 4.64 20.43 -34.62
N GLY B 266 4.57 20.56 -33.29
CA GLY B 266 3.32 20.50 -32.59
C GLY B 266 3.30 21.38 -31.35
N PRO B 267 2.21 21.30 -30.57
CA PRO B 267 2.06 22.10 -29.36
C PRO B 267 2.77 21.52 -28.14
N TRP B 268 4.04 21.15 -28.33
CA TRP B 268 4.82 20.58 -27.23
C TRP B 268 5.37 21.64 -26.29
N MET B 269 5.31 22.92 -26.65
CA MET B 269 5.90 23.99 -25.86
C MET B 269 4.87 24.73 -25.02
N GLN B 270 3.88 24.01 -24.51
CA GLN B 270 2.76 24.63 -23.81
C GLN B 270 2.69 24.10 -22.36
N VAL B 271 1.61 24.47 -21.67
CA VAL B 271 1.33 24.05 -20.30
C VAL B 271 1.11 22.55 -20.28
N PRO B 272 0.93 21.91 -19.09
CA PRO B 272 0.65 20.47 -19.06
C PRO B 272 -0.35 19.98 -20.10
N LEU B 273 0.09 19.10 -20.99
CA LEU B 273 -0.73 18.57 -22.07
C LEU B 273 -1.49 17.34 -21.59
N GLU B 274 -2.63 17.09 -22.22
CA GLU B 274 -3.41 15.87 -22.00
C GLU B 274 -3.93 15.42 -23.37
N VAL B 275 -3.14 14.60 -24.05
CA VAL B 275 -3.52 14.12 -25.37
C VAL B 275 -4.73 13.20 -25.24
N LYS B 276 -5.80 13.52 -25.95
CA LYS B 276 -7.05 12.78 -25.89
C LYS B 276 -7.48 12.36 -27.28
N ARG B 277 -8.08 11.17 -27.38
CA ARG B 277 -8.59 10.66 -28.65
C ARG B 277 -10.09 10.92 -28.76
N GLU B 278 -10.43 12.21 -28.83
CA GLU B 278 -11.83 12.61 -28.97
C GLU B 278 -11.88 13.98 -29.63
N ALA B 279 -13.07 14.34 -30.10
CA ALA B 279 -13.29 15.63 -30.72
C ALA B 279 -13.39 16.72 -29.66
N CYS B 280 -13.67 17.95 -30.13
CA CYS B 280 -13.80 19.09 -29.24
C CYS B 280 -15.14 19.77 -29.49
N PRO B 281 -15.71 20.40 -28.47
CA PRO B 281 -17.04 21.03 -28.63
C PRO B 281 -17.00 22.13 -29.69
N GLY B 282 -18.09 22.20 -30.46
CA GLY B 282 -18.24 23.22 -31.47
C GLY B 282 -17.45 22.98 -32.74
N THR B 283 -16.84 21.82 -32.91
CA THR B 283 -16.05 21.53 -34.09
C THR B 283 -16.77 20.50 -34.97
N SER B 284 -16.16 20.22 -36.12
CA SER B 284 -16.72 19.29 -37.10
C SER B 284 -15.72 18.16 -37.33
N VAL B 285 -16.22 16.93 -37.37
CA VAL B 285 -15.38 15.74 -37.55
C VAL B 285 -15.69 15.19 -38.93
N ILE B 286 -14.90 15.60 -39.92
CA ILE B 286 -15.02 15.09 -41.29
C ILE B 286 -13.62 14.77 -41.80
N ILE B 287 -13.49 13.64 -42.48
CA ILE B 287 -12.23 13.18 -43.01
C ILE B 287 -12.20 13.47 -44.51
N ASP B 288 -11.23 14.28 -44.94
CA ASP B 288 -11.07 14.63 -46.35
C ASP B 288 -9.73 14.11 -46.84
N GLY B 289 -9.75 13.43 -47.98
CA GLY B 289 -8.55 12.87 -48.56
C GLY B 289 -7.78 13.79 -49.47
N ASN B 290 -8.20 15.05 -49.61
CA ASN B 290 -7.57 15.97 -50.55
C ASN B 290 -7.21 17.32 -49.97
N CYS B 291 -7.67 17.65 -48.75
CA CYS B 291 -7.39 18.97 -48.20
C CYS B 291 -5.93 19.08 -47.79
N ASP B 292 -5.48 20.33 -47.63
CA ASP B 292 -4.09 20.58 -47.29
C ASP B 292 -3.75 20.02 -45.91
N GLY B 293 -2.52 19.55 -45.77
CA GLY B 293 -2.09 18.97 -44.51
C GLY B 293 -0.57 18.92 -44.43
N ARG B 294 -0.09 18.47 -43.27
CA ARG B 294 1.33 18.31 -42.99
C ARG B 294 2.08 19.64 -43.16
N GLY B 295 1.57 20.66 -42.46
CA GLY B 295 2.21 21.96 -42.44
C GLY B 295 2.69 22.32 -41.05
N LYS B 296 2.00 23.27 -40.42
CA LYS B 296 2.23 23.62 -39.02
C LYS B 296 1.12 23.01 -38.16
N SER B 297 1.17 23.29 -36.87
CA SER B 297 0.10 22.92 -35.95
C SER B 297 -0.60 24.21 -35.54
N THR B 298 -1.57 24.63 -36.34
CA THR B 298 -2.27 25.88 -36.10
C THR B 298 -3.20 25.77 -34.90
N ARG B 299 -3.44 26.90 -34.27
CA ARG B 299 -4.32 26.94 -33.11
C ARG B 299 -5.76 26.63 -33.52
N SER B 300 -6.47 25.92 -32.65
CA SER B 300 -7.84 25.54 -32.95
C SER B 300 -8.77 26.75 -32.96
N THR B 301 -8.60 27.66 -31.99
CA THR B 301 -9.47 28.81 -31.88
C THR B 301 -8.90 30.00 -32.65
N THR B 302 -9.71 31.04 -32.75
CA THR B 302 -9.33 32.29 -33.39
C THR B 302 -8.92 33.30 -32.33
N ASP B 303 -8.69 34.54 -32.76
CA ASP B 303 -8.37 35.61 -31.82
C ASP B 303 -9.52 35.90 -30.86
N SER B 304 -10.75 35.60 -31.26
CA SER B 304 -11.92 35.86 -30.43
C SER B 304 -12.34 34.66 -29.59
N GLY B 305 -11.62 33.55 -29.68
CA GLY B 305 -11.96 32.37 -28.89
C GLY B 305 -13.26 31.72 -29.27
N LYS B 306 -13.54 31.60 -30.57
CA LYS B 306 -14.76 30.98 -31.06
C LYS B 306 -14.43 29.86 -32.02
N VAL B 307 -15.27 28.82 -32.00
CA VAL B 307 -15.03 27.62 -32.79
C VAL B 307 -15.20 27.91 -34.27
N ILE B 308 -14.47 27.17 -35.10
CA ILE B 308 -14.57 27.25 -36.55
C ILE B 308 -14.95 25.88 -37.07
N PRO B 309 -16.12 25.72 -37.71
CA PRO B 309 -16.53 24.40 -38.25
C PRO B 309 -16.09 24.18 -39.69
N GLU B 310 -14.79 24.00 -39.88
CA GLU B 310 -14.24 23.69 -41.20
C GLU B 310 -13.09 22.70 -41.15
N TRP B 311 -12.89 22.02 -40.03
CA TRP B 311 -11.70 21.20 -39.85
C TRP B 311 -11.72 19.98 -40.78
N CYS B 312 -10.56 19.67 -41.33
CA CYS B 312 -10.38 18.47 -42.15
C CYS B 312 -9.15 17.72 -41.66
N CYS B 313 -9.17 16.40 -41.82
CA CYS B 313 -8.02 15.58 -41.46
C CYS B 313 -7.77 14.63 -42.62
N ARG B 314 -6.51 14.25 -42.79
CA ARG B 314 -6.10 13.42 -43.93
C ARG B 314 -6.49 11.97 -43.68
N SER B 315 -5.82 11.02 -44.35
CA SER B 315 -5.92 9.66 -43.88
C SER B 315 -5.69 9.64 -42.37
N CYS B 316 -6.73 9.32 -41.62
CA CYS B 316 -6.73 9.49 -40.16
C CYS B 316 -7.58 8.37 -39.57
N THR B 317 -7.99 8.55 -38.31
CA THR B 317 -8.95 7.66 -37.67
C THR B 317 -10.17 8.46 -37.25
N MET B 318 -11.31 7.77 -37.15
CA MET B 318 -12.57 8.45 -36.85
C MET B 318 -12.53 9.26 -35.56
N PRO B 319 -12.00 8.76 -34.44
CA PRO B 319 -11.83 9.62 -33.26
C PRO B 319 -10.61 10.50 -33.42
N PRO B 320 -10.79 11.81 -33.52
CA PRO B 320 -9.65 12.71 -33.69
C PRO B 320 -8.87 12.85 -32.39
N VAL B 321 -7.60 13.27 -32.54
CA VAL B 321 -6.74 13.55 -31.40
C VAL B 321 -6.72 15.06 -31.18
N SER B 322 -6.94 15.48 -29.94
CA SER B 322 -7.05 16.89 -29.60
C SER B 322 -6.19 17.19 -28.39
N PHE B 323 -5.37 18.23 -28.49
CA PHE B 323 -4.51 18.63 -27.40
C PHE B 323 -5.27 19.50 -26.40
N HIS B 324 -4.79 19.52 -25.15
CA HIS B 324 -5.33 20.38 -24.11
C HIS B 324 -4.19 21.27 -23.63
N GLY B 325 -3.99 22.38 -24.33
CA GLY B 325 -2.88 23.27 -24.03
C GLY B 325 -3.26 24.50 -23.26
N SER B 326 -2.60 25.62 -23.56
CA SER B 326 -2.83 26.86 -22.81
C SER B 326 -4.21 27.43 -23.12
N ASP B 327 -4.57 27.49 -24.40
CA ASP B 327 -5.85 28.07 -24.81
C ASP B 327 -6.96 27.04 -24.89
N GLY B 328 -6.68 25.77 -24.63
CA GLY B 328 -7.70 24.75 -24.70
C GLY B 328 -7.43 23.72 -25.76
N CYS B 329 -8.39 23.53 -26.67
CA CYS B 329 -8.24 22.54 -27.72
C CYS B 329 -7.18 23.00 -28.73
N TRP B 330 -6.34 22.05 -29.15
CA TRP B 330 -5.39 22.26 -30.24
C TRP B 330 -5.45 21.05 -31.16
N TYR B 331 -4.98 21.24 -32.39
CA TYR B 331 -5.02 20.15 -33.37
C TYR B 331 -3.63 19.92 -33.94
N PRO B 332 -3.28 18.68 -34.25
CA PRO B 332 -1.96 18.39 -34.83
C PRO B 332 -1.86 18.78 -36.30
N MET B 333 -0.72 18.46 -36.92
CA MET B 333 -0.51 18.80 -38.32
C MET B 333 -1.44 18.04 -39.27
N GLU B 334 -2.03 16.94 -38.82
CA GLU B 334 -2.98 16.22 -39.64
C GLU B 334 -4.30 16.98 -39.83
N ILE B 335 -4.57 17.97 -39.00
CA ILE B 335 -5.80 18.75 -39.08
C ILE B 335 -5.43 20.20 -39.42
N ARG B 336 -5.94 20.68 -40.54
CA ARG B 336 -5.73 22.06 -40.98
C ARG B 336 -7.06 22.68 -41.37
N PRO B 337 -7.18 24.00 -41.30
CA PRO B 337 -8.41 24.70 -41.70
C PRO B 337 -8.65 24.62 -43.21
N ASP C 1 3.29 5.03 13.50
CA ASP C 1 3.52 3.82 12.71
C ASP C 1 3.19 4.06 11.24
N GLN C 2 4.18 3.83 10.38
CA GLN C 2 4.03 4.04 8.94
C GLN C 2 3.63 2.75 8.26
N GLY C 3 2.66 2.83 7.35
CA GLY C 3 2.21 1.66 6.64
C GLY C 3 1.07 1.97 5.70
N CYS C 4 0.48 0.92 5.16
CA CYS C 4 -0.62 1.03 4.21
C CYS C 4 -1.72 0.05 4.58
N ALA C 5 -2.94 0.37 4.18
CA ALA C 5 -4.09 -0.45 4.53
C ALA C 5 -5.11 -0.41 3.40
N ILE C 6 -6.03 -1.37 3.44
CA ILE C 6 -7.08 -1.52 2.43
C ILE C 6 -8.40 -1.78 3.13
N ASN C 7 -9.49 -1.59 2.39
CA ASN C 7 -10.83 -1.83 2.90
C ASN C 7 -11.71 -2.26 1.74
N PHE C 8 -12.14 -3.51 1.74
CA PHE C 8 -12.87 -4.06 0.60
C PHE C 8 -14.29 -3.52 0.48
N GLY C 9 -14.82 -2.89 1.52
CA GLY C 9 -16.14 -2.29 1.45
C GLY C 9 -16.08 -0.82 1.08
N LYS C 10 -15.20 -0.08 1.75
CA LYS C 10 -15.00 1.33 1.44
C LYS C 10 -14.22 1.55 0.16
N ARG C 11 -13.47 0.54 -0.30
CA ARG C 11 -12.62 0.64 -1.49
C ARG C 11 -11.60 1.78 -1.32
N GLU C 12 -10.75 1.60 -0.31
CA GLU C 12 -9.72 2.56 0.03
C GLU C 12 -8.34 1.93 -0.07
N LEU C 13 -7.34 2.78 -0.34
CA LEU C 13 -5.95 2.34 -0.38
C LEU C 13 -5.05 3.39 0.28
N LYS C 14 -5.54 4.06 1.31
CA LYS C 14 -4.78 5.14 1.92
C LYS C 14 -3.53 4.61 2.61
N CYS C 15 -2.59 5.52 2.86
CA CYS C 15 -1.33 5.20 3.52
C CYS C 15 -0.96 6.36 4.43
N GLY C 16 0.22 6.29 5.02
CA GLY C 16 0.71 7.36 5.85
C GLY C 16 1.06 6.94 7.27
N ASP C 17 0.57 7.69 8.26
CA ASP C 17 0.89 7.46 9.65
C ASP C 17 -0.39 7.40 10.46
N GLY C 18 -0.39 6.58 11.51
CA GLY C 18 -1.55 6.45 12.36
C GLY C 18 -1.40 5.38 13.42
N ILE C 19 -2.45 4.59 13.63
CA ILE C 19 -2.46 3.51 14.60
C ILE C 19 -2.94 2.24 13.89
N PHE C 20 -2.23 1.14 14.10
CA PHE C 20 -2.54 -0.14 13.47
C PHE C 20 -2.76 -1.20 14.53
N ILE C 21 -3.83 -1.98 14.36
CA ILE C 21 -4.08 -3.16 15.19
C ILE C 21 -4.27 -4.34 14.24
N PHE C 22 -3.61 -5.45 14.56
CA PHE C 22 -3.57 -6.62 13.69
C PHE C 22 -4.34 -7.77 14.32
N ARG C 23 -4.55 -8.81 13.52
CA ARG C 23 -5.28 -10.02 13.93
C ARG C 23 -4.34 -11.18 14.24
N ASP C 24 -3.21 -10.90 14.88
CA ASP C 24 -2.24 -11.95 15.18
C ASP C 24 -2.71 -12.78 16.38
N SER C 25 -3.92 -13.31 16.25
CA SER C 25 -4.50 -14.21 17.24
C SER C 25 -4.17 -15.67 16.97
N ASP C 26 -3.35 -15.94 15.95
CA ASP C 26 -2.95 -17.30 15.61
C ASP C 26 -1.86 -17.75 16.58
N ASP C 27 -1.18 -18.85 16.25
CA ASP C 27 -0.13 -19.37 17.11
C ASP C 27 1.16 -18.60 16.91
N TRP C 28 1.07 -17.27 17.02
CA TRP C 28 2.24 -16.39 16.97
C TRP C 28 2.85 -16.15 18.35
N LEU C 29 2.14 -16.54 19.42
CA LEU C 29 2.63 -16.33 20.78
C LEU C 29 3.85 -17.17 21.10
N ASN C 30 4.09 -18.25 20.36
CA ASN C 30 5.27 -19.07 20.56
C ASN C 30 6.52 -18.48 19.93
N LYS C 31 6.38 -17.51 19.02
CA LYS C 31 7.55 -16.90 18.41
C LYS C 31 8.26 -15.95 19.35
N TYR C 32 7.53 -15.26 20.23
CA TYR C 32 8.15 -14.35 21.17
C TYR C 32 8.98 -15.12 22.19
N SER C 33 10.17 -14.60 22.49
CA SER C 33 11.06 -15.18 23.49
C SER C 33 10.99 -14.32 24.75
N TYR C 34 10.48 -14.91 25.83
CA TYR C 34 10.16 -14.17 27.05
C TYR C 34 11.39 -14.12 27.94
N TYR C 35 11.86 -12.90 28.23
CA TYR C 35 13.08 -12.67 29.02
C TYR C 35 12.71 -11.87 30.26
N PRO C 36 12.49 -12.53 31.40
CA PRO C 36 12.22 -11.80 32.63
C PRO C 36 13.42 -10.95 33.06
N GLU C 37 13.15 -10.06 34.01
CA GLU C 37 14.16 -9.09 34.45
C GLU C 37 15.25 -9.79 35.25
N ASP C 38 16.41 -9.99 34.63
CA ASP C 38 17.61 -10.52 35.28
C ASP C 38 17.30 -11.83 36.00
N PRO C 39 17.18 -12.94 35.27
CA PRO C 39 16.77 -14.21 35.88
C PRO C 39 17.46 -14.56 37.19
N VAL C 40 18.66 -14.03 37.44
CA VAL C 40 19.29 -14.21 38.74
C VAL C 40 18.44 -13.58 39.83
N LYS C 41 17.93 -12.38 39.58
CA LYS C 41 17.04 -11.72 40.55
C LYS C 41 15.76 -12.51 40.74
N LEU C 42 15.23 -13.09 39.67
CA LEU C 42 13.99 -13.86 39.78
C LEU C 42 14.13 -15.02 40.75
N ALA C 43 15.33 -15.60 40.85
CA ALA C 43 15.57 -16.65 41.84
C ALA C 43 15.36 -16.13 43.26
N SER C 44 15.90 -14.94 43.55
CA SER C 44 15.70 -14.34 44.86
C SER C 44 14.23 -14.03 45.11
N ILE C 45 13.53 -13.54 44.08
CA ILE C 45 12.11 -13.23 44.23
C ILE C 45 11.32 -14.49 44.57
N VAL C 46 11.61 -15.59 43.86
CA VAL C 46 10.91 -16.84 44.12
C VAL C 46 11.24 -17.36 45.51
N LYS C 47 12.52 -17.27 45.90
CA LYS C 47 12.90 -17.73 47.23
C LYS C 47 12.16 -16.96 48.32
N ALA C 48 12.07 -15.63 48.17
CA ALA C 48 11.35 -14.84 49.15
C ALA C 48 9.88 -15.22 49.18
N SER C 49 9.22 -15.26 48.01
CA SER C 49 7.80 -15.57 47.97
C SER C 49 7.52 -16.95 48.55
N PHE C 50 8.46 -17.89 48.39
CA PHE C 50 8.31 -19.20 49.00
C PHE C 50 8.47 -19.13 50.51
N GLU C 51 9.41 -18.31 50.99
CA GLU C 51 9.62 -18.19 52.43
C GLU C 51 8.40 -17.61 53.12
N GLU C 52 7.75 -16.62 52.50
CA GLU C 52 6.50 -16.13 53.09
C GLU C 52 5.34 -17.13 52.98
N GLY C 53 5.52 -18.23 52.23
CA GLY C 53 4.57 -19.32 52.31
C GLY C 53 3.42 -19.29 51.32
N LYS C 54 3.73 -19.21 50.03
CA LYS C 54 2.73 -19.31 48.98
C LYS C 54 2.99 -20.57 48.17
N CYS C 55 1.93 -21.35 47.94
CA CYS C 55 2.05 -22.65 47.30
C CYS C 55 2.66 -22.56 45.91
N GLY C 56 1.97 -21.92 44.99
CA GLY C 56 2.37 -21.93 43.60
C GLY C 56 2.07 -20.67 42.83
N LEU C 57 2.04 -20.79 41.50
CA LEU C 57 1.91 -19.65 40.60
C LEU C 57 1.12 -20.08 39.37
N ASN C 58 -0.19 -19.85 39.40
CA ASN C 58 -1.04 -20.16 38.26
C ASN C 58 -1.08 -18.98 37.30
N SER C 59 -0.42 -19.13 36.16
CA SER C 59 -0.30 -18.04 35.19
C SER C 59 -1.67 -17.59 34.73
N VAL C 60 -1.72 -16.37 34.18
CA VAL C 60 -2.95 -15.79 33.70
C VAL C 60 -3.08 -15.92 32.18
N ASP C 61 -1.99 -15.72 31.44
CA ASP C 61 -1.98 -15.81 29.99
C ASP C 61 -1.12 -16.97 29.55
N SER C 62 -1.33 -17.44 28.32
CA SER C 62 -0.51 -18.50 27.77
C SER C 62 0.95 -18.08 27.65
N LEU C 63 1.19 -16.79 27.46
CA LEU C 63 2.56 -16.29 27.38
C LEU C 63 3.32 -16.57 28.67
N GLU C 64 2.68 -16.33 29.82
CA GLU C 64 3.32 -16.57 31.11
C GLU C 64 3.64 -18.05 31.29
N HIS C 65 2.71 -18.93 30.92
CA HIS C 65 2.96 -20.36 31.04
C HIS C 65 4.10 -20.81 30.15
N GLU C 66 4.15 -20.31 28.91
CA GLU C 66 5.25 -20.67 28.03
C GLU C 66 6.57 -20.15 28.57
N MET C 67 6.58 -18.93 29.11
CA MET C 67 7.79 -18.39 29.72
C MET C 67 8.28 -19.27 30.84
N TRP C 68 7.38 -19.69 31.73
CA TRP C 68 7.80 -20.51 32.86
C TRP C 68 8.30 -21.87 32.39
N ARG C 69 7.60 -22.49 31.44
CA ARG C 69 8.05 -23.79 30.94
C ARG C 69 9.41 -23.69 30.26
N SER C 70 9.69 -22.57 29.60
CA SER C 70 10.98 -22.41 28.94
C SER C 70 12.10 -22.10 29.91
N ARG C 71 11.84 -21.28 30.93
CA ARG C 71 12.89 -20.79 31.81
C ARG C 71 13.03 -21.59 33.10
N ALA C 72 12.23 -22.64 33.27
CA ALA C 72 12.40 -23.49 34.45
C ALA C 72 13.78 -24.11 34.49
N ASP C 73 14.32 -24.52 33.34
CA ASP C 73 15.65 -25.11 33.32
C ASP C 73 16.71 -24.12 33.78
N GLU C 74 16.67 -22.88 33.27
CA GLU C 74 17.67 -21.90 33.65
C GLU C 74 17.54 -21.53 35.11
N ILE C 75 16.32 -21.37 35.61
CA ILE C 75 16.17 -21.05 37.03
C ILE C 75 16.64 -22.22 37.89
N ASN C 76 16.39 -23.45 37.44
CA ASN C 76 16.88 -24.62 38.15
C ASN C 76 18.40 -24.61 38.24
N ALA C 77 19.06 -24.26 37.13
CA ALA C 77 20.51 -24.13 37.15
C ALA C 77 20.95 -23.05 38.14
N ILE C 78 20.23 -21.93 38.17
CA ILE C 78 20.62 -20.83 39.05
C ILE C 78 20.55 -21.24 40.51
N PHE C 79 19.42 -21.80 40.95
CA PHE C 79 19.33 -22.13 42.36
C PHE C 79 19.89 -23.51 42.68
N GLU C 80 20.46 -24.20 41.70
CA GLU C 80 21.32 -25.33 41.99
C GLU C 80 22.77 -24.90 42.19
N GLU C 81 23.23 -23.94 41.39
CA GLU C 81 24.56 -23.37 41.62
C GLU C 81 24.61 -22.60 42.93
N ASN C 82 23.57 -21.83 43.23
CA ASN C 82 23.56 -20.99 44.42
C ASN C 82 23.08 -21.73 45.67
N GLU C 83 22.75 -23.02 45.56
CA GLU C 83 22.37 -23.85 46.70
C GLU C 83 21.17 -23.27 47.46
N VAL C 84 20.01 -23.27 46.80
CA VAL C 84 18.77 -22.82 47.39
C VAL C 84 17.85 -23.99 47.71
N ASP C 85 17.79 -24.98 46.82
CA ASP C 85 17.00 -26.20 47.03
C ASP C 85 15.52 -25.90 47.21
N ILE C 86 14.94 -25.24 46.19
CA ILE C 86 13.49 -25.07 46.09
C ILE C 86 13.13 -25.49 44.66
N SER C 87 12.83 -26.77 44.47
CA SER C 87 12.62 -27.30 43.13
C SER C 87 11.39 -26.68 42.48
N VAL C 88 11.52 -26.34 41.21
CA VAL C 88 10.42 -25.76 40.44
C VAL C 88 10.18 -26.67 39.24
N VAL C 89 8.95 -27.18 39.14
CA VAL C 89 8.53 -28.02 38.02
C VAL C 89 7.28 -27.41 37.42
N VAL C 90 7.21 -27.40 36.09
CA VAL C 90 6.11 -26.78 35.37
C VAL C 90 5.14 -27.86 34.93
N GLN C 91 3.91 -27.81 35.46
CA GLN C 91 2.86 -28.72 35.02
C GLN C 91 2.20 -28.15 33.77
N ASP C 92 1.08 -28.75 33.35
CA ASP C 92 0.44 -28.38 32.09
C ASP C 92 -1.07 -28.37 32.25
N PRO C 93 -1.67 -27.20 32.49
CA PRO C 93 -3.12 -27.05 32.27
C PRO C 93 -3.39 -26.79 30.80
N LYS C 94 -4.49 -27.35 30.30
CA LYS C 94 -4.76 -27.21 28.88
C LYS C 94 -4.97 -25.75 28.49
N ASN C 95 -6.08 -25.14 28.91
CA ASN C 95 -6.28 -23.72 28.68
C ASN C 95 -7.11 -23.05 29.77
N VAL C 96 -7.01 -23.52 31.02
CA VAL C 96 -8.02 -23.19 32.02
C VAL C 96 -7.42 -22.34 33.14
N TYR C 97 -6.52 -21.41 32.78
CA TYR C 97 -5.95 -20.50 33.76
C TYR C 97 -7.02 -19.81 34.59
N GLN C 98 -7.04 -20.09 35.90
CA GLN C 98 -8.05 -19.56 36.79
C GLN C 98 -7.49 -18.37 37.57
N ARG C 99 -8.22 -17.91 38.58
CA ARG C 99 -7.86 -16.72 39.33
C ARG C 99 -7.36 -17.08 40.73
N GLY C 100 -6.16 -16.60 41.06
CA GLY C 100 -5.64 -16.68 42.41
C GLY C 100 -5.53 -15.28 43.01
N THR C 101 -5.57 -15.16 44.34
CA THR C 101 -5.61 -13.86 44.98
C THR C 101 -4.43 -13.70 45.93
N HIS C 102 -3.26 -13.32 45.38
CA HIS C 102 -2.04 -12.97 46.09
C HIS C 102 -1.07 -12.26 45.16
N PRO C 103 -0.47 -11.14 45.59
CA PRO C 103 0.66 -10.59 44.85
C PRO C 103 1.97 -11.15 45.37
N PHE C 104 3.09 -10.83 44.72
CA PHE C 104 4.37 -11.33 45.22
C PHE C 104 4.71 -10.69 46.57
N SER C 105 5.54 -11.38 47.32
CA SER C 105 5.98 -10.89 48.62
C SER C 105 7.26 -10.07 48.46
N ARG C 106 7.53 -9.22 49.45
CA ARG C 106 8.67 -8.33 49.40
C ARG C 106 9.96 -9.10 49.64
N ILE C 107 11.07 -8.49 49.20
CA ILE C 107 12.39 -9.08 49.37
C ILE C 107 12.75 -9.09 50.85
N ARG C 108 13.25 -10.21 51.33
CA ARG C 108 13.63 -10.40 52.73
C ARG C 108 12.42 -10.20 53.65
N LYS C 129 11.20 -33.57 51.08
CA LYS C 129 11.57 -32.38 51.86
C LYS C 129 11.95 -31.23 50.96
N ASN C 130 12.14 -31.52 49.67
CA ASN C 130 12.53 -30.50 48.71
C ASN C 130 11.43 -29.46 48.56
N GLY C 131 11.82 -28.20 48.43
CA GLY C 131 10.86 -27.15 48.11
C GLY C 131 10.19 -27.39 46.77
N SER C 132 8.91 -27.07 46.71
CA SER C 132 8.09 -27.32 45.52
C SER C 132 7.27 -26.07 45.20
N PHE C 133 7.71 -25.32 44.19
CA PHE C 133 6.94 -24.19 43.65
C PHE C 133 6.31 -24.67 42.36
N ILE C 134 5.12 -25.27 42.47
CA ILE C 134 4.43 -25.79 41.31
C ILE C 134 3.82 -24.63 40.52
N ILE C 135 4.13 -24.58 39.23
CA ILE C 135 3.64 -23.52 38.35
C ILE C 135 2.47 -24.08 37.56
N ASP C 136 1.37 -23.33 37.52
CA ASP C 136 0.15 -23.75 36.83
C ASP C 136 -0.35 -25.09 37.38
N GLY C 137 -0.30 -25.24 38.69
CA GLY C 137 -0.64 -26.51 39.30
C GLY C 137 -2.13 -26.79 39.28
N LYS C 138 -2.47 -28.07 39.31
CA LYS C 138 -3.84 -28.51 39.38
C LYS C 138 -4.41 -28.26 40.77
N SER C 139 -5.75 -28.13 40.83
CA SER C 139 -6.45 -27.82 42.08
C SER C 139 -6.46 -29.05 42.97
N ARG C 140 -5.32 -29.27 43.62
CA ARG C 140 -5.18 -30.38 44.55
C ARG C 140 -5.72 -29.99 45.93
N LYS C 141 -5.81 -30.98 46.81
CA LYS C 141 -6.33 -30.76 48.15
C LYS C 141 -5.24 -30.38 49.15
N GLU C 142 -3.98 -30.39 48.75
CA GLU C 142 -2.91 -30.00 49.66
C GLU C 142 -3.04 -28.54 50.07
N CYS C 143 -3.43 -27.67 49.14
CA CYS C 143 -3.76 -26.29 49.46
C CYS C 143 -4.63 -25.75 48.35
N PRO C 144 -5.57 -24.85 48.66
CA PRO C 144 -6.52 -24.38 47.64
C PRO C 144 -5.88 -23.42 46.63
N PHE C 145 -6.73 -22.81 45.80
CA PHE C 145 -6.27 -21.79 44.87
C PHE C 145 -5.60 -20.62 45.57
N SER C 146 -5.89 -20.41 46.85
CA SER C 146 -5.16 -19.42 47.61
C SER C 146 -3.69 -19.84 47.74
N ASN C 147 -2.90 -18.97 48.36
CA ASN C 147 -1.46 -19.14 48.45
C ASN C 147 -0.82 -19.30 47.07
N ARG C 148 -1.40 -18.64 46.06
CA ARG C 148 -0.89 -18.69 44.70
C ARG C 148 -0.84 -17.28 44.13
N VAL C 149 0.28 -16.92 43.53
CA VAL C 149 0.43 -15.66 42.83
C VAL C 149 -0.23 -15.77 41.47
N TRP C 150 -0.94 -14.72 41.04
CA TRP C 150 -1.68 -14.79 39.78
C TRP C 150 -1.17 -13.79 38.75
N ASN C 151 -1.20 -12.49 39.03
CA ASN C 151 -1.01 -11.49 38.00
C ASN C 151 0.02 -10.45 38.43
N SER C 152 1.09 -10.89 39.08
CA SER C 152 2.16 -9.98 39.49
C SER C 152 3.28 -10.02 38.46
N PHE C 153 2.97 -9.49 37.28
CA PHE C 153 3.92 -9.36 36.19
C PHE C 153 3.43 -8.24 35.28
N GLN C 154 4.36 -7.56 34.62
CA GLN C 154 4.01 -6.41 33.79
C GLN C 154 4.93 -6.34 32.59
N ILE C 155 4.34 -6.36 31.39
CA ILE C 155 5.12 -6.19 30.17
C ILE C 155 5.71 -4.78 30.14
N GLU C 156 6.93 -4.66 29.62
CA GLU C 156 7.63 -3.39 29.65
C GLU C 156 7.34 -2.54 28.41
N GLU C 157 7.67 -3.05 27.23
CA GLU C 157 7.54 -2.27 26.01
C GLU C 157 7.44 -3.21 24.82
N PHE C 158 6.94 -2.66 23.71
CA PHE C 158 6.95 -3.32 22.40
C PHE C 158 6.26 -4.69 22.46
N GLY C 159 4.97 -4.64 22.78
CA GLY C 159 4.16 -5.83 22.83
C GLY C 159 3.64 -6.25 21.47
N THR C 165 16.10 -10.60 23.12
CA THR C 165 14.93 -10.34 23.94
C THR C 165 13.82 -9.67 23.15
N ARG C 166 12.80 -10.42 22.80
CA ARG C 166 11.67 -9.84 22.08
C ARG C 166 10.79 -9.08 23.06
N VAL C 167 10.32 -9.71 24.12
CA VAL C 167 9.45 -9.04 25.05
C VAL C 167 9.94 -9.27 26.42
N TYR C 168 10.19 -8.18 27.11
CA TYR C 168 10.67 -8.29 28.46
C TYR C 168 9.57 -8.53 29.46
N MET C 169 9.87 -8.36 30.72
CA MET C 169 8.89 -8.56 31.79
C MET C 169 9.49 -8.18 33.13
N ASP C 170 8.78 -7.35 33.89
CA ASP C 170 9.25 -6.87 35.19
C ASP C 170 8.25 -7.27 36.27
N ALA C 171 8.78 -7.80 37.37
CA ALA C 171 7.93 -8.20 38.48
C ALA C 171 7.42 -6.98 39.22
N VAL C 172 6.29 -7.16 39.91
CA VAL C 172 5.67 -6.12 40.72
C VAL C 172 5.18 -6.74 42.03
N PHE C 173 4.61 -5.91 42.89
CA PHE C 173 4.06 -6.34 44.17
C PHE C 173 2.69 -5.74 44.39
N GLU C 174 1.93 -5.58 43.31
CA GLU C 174 0.62 -4.92 43.34
C GLU C 174 -0.43 -5.89 42.83
N TYR C 175 -1.32 -6.32 43.72
CA TYR C 175 -2.44 -7.16 43.30
C TYR C 175 -3.31 -6.41 42.30
N THR C 176 -3.68 -7.08 41.21
CA THR C 176 -4.43 -6.46 40.14
C THR C 176 -5.42 -7.45 39.56
N ILE C 177 -6.60 -6.94 39.18
CA ILE C 177 -7.64 -7.76 38.56
C ILE C 177 -7.68 -7.46 37.07
N ASP C 178 -7.41 -6.21 36.71
CA ASP C 178 -7.42 -5.81 35.31
C ASP C 178 -6.25 -6.42 34.56
N CYS C 179 -6.42 -6.60 33.26
CA CYS C 179 -5.39 -7.21 32.43
C CYS C 179 -4.20 -6.27 32.30
N ASP C 180 -3.17 -6.73 31.61
CA ASP C 180 -1.99 -5.91 31.34
C ASP C 180 -2.19 -5.14 30.04
N GLY C 181 -2.10 -3.82 30.13
CA GLY C 181 -2.47 -2.96 29.03
C GLY C 181 -1.42 -2.73 27.96
N SER C 182 -0.21 -3.25 28.13
CA SER C 182 0.83 -3.00 27.15
C SER C 182 0.70 -3.84 25.90
N ILE C 183 -0.14 -4.88 25.91
CA ILE C 183 -0.29 -5.78 24.78
C ILE C 183 -1.67 -5.72 24.15
N LEU C 184 -2.65 -5.13 24.80
CA LEU C 184 -4.02 -5.12 24.29
C LEU C 184 -4.17 -4.08 23.18
N GLY C 185 -5.36 -4.03 22.62
CA GLY C 185 -5.66 -3.05 21.59
C GLY C 185 -7.14 -3.01 21.30
N ALA C 186 -7.57 -1.89 20.73
CA ALA C 186 -8.95 -1.69 20.35
C ALA C 186 -9.00 -0.64 19.25
N ALA C 187 -10.02 -0.71 18.41
CA ALA C 187 -10.12 0.23 17.30
C ALA C 187 -11.53 0.23 16.75
N VAL C 188 -12.03 1.41 16.42
CA VAL C 188 -13.29 1.59 15.71
C VAL C 188 -13.02 2.53 14.54
N ASN C 189 -13.49 2.14 13.36
CA ASN C 189 -13.19 2.86 12.13
C ASN C 189 -14.46 3.11 11.34
N GLY C 190 -15.48 3.65 12.00
CA GLY C 190 -16.75 3.84 11.36
C GLY C 190 -17.81 2.93 11.95
N LYS C 191 -18.20 1.90 11.20
CA LYS C 191 -19.15 0.92 11.70
C LYS C 191 -18.47 -0.40 12.08
N LYS C 192 -17.14 -0.43 12.09
CA LYS C 192 -16.39 -1.64 12.43
C LYS C 192 -15.75 -1.48 13.81
N SER C 193 -15.34 -2.61 14.38
CA SER C 193 -14.73 -2.62 15.70
C SER C 193 -13.87 -3.87 15.83
N ALA C 194 -12.93 -3.81 16.77
CA ALA C 194 -12.04 -4.94 17.01
C ALA C 194 -11.42 -4.80 18.39
N HIS C 195 -11.78 -5.69 19.31
CA HIS C 195 -11.15 -5.73 20.62
C HIS C 195 -10.06 -6.80 20.60
N GLY C 196 -8.86 -6.39 20.24
CA GLY C 196 -7.78 -7.33 20.04
C GLY C 196 -7.04 -7.70 21.31
N SER C 197 -6.21 -8.73 21.19
CA SER C 197 -5.37 -9.28 22.24
C SER C 197 -4.54 -10.40 21.61
N PRO C 198 -3.44 -10.84 22.23
CA PRO C 198 -2.73 -12.00 21.68
C PRO C 198 -3.55 -13.28 21.67
N THR C 199 -4.54 -13.41 22.54
CA THR C 199 -5.36 -14.63 22.63
C THR C 199 -6.84 -14.28 22.71
N PHE C 200 -7.29 -13.35 21.87
CA PHE C 200 -8.67 -12.90 21.89
C PHE C 200 -8.95 -12.09 20.63
N TRP C 201 -10.23 -12.01 20.27
CA TRP C 201 -10.67 -11.19 19.16
C TRP C 201 -12.18 -11.08 19.18
N MET C 202 -12.70 -9.91 18.83
CA MET C 202 -14.14 -9.66 18.81
C MET C 202 -14.43 -8.57 17.78
N GLY C 203 -14.94 -8.96 16.63
CA GLY C 203 -15.24 -8.00 15.58
C GLY C 203 -16.70 -7.60 15.57
N SER C 204 -16.98 -6.37 15.97
CA SER C 204 -18.34 -5.87 16.06
C SER C 204 -18.74 -5.16 14.78
N HIS C 205 -20.05 -4.98 14.61
CA HIS C 205 -20.59 -4.22 13.49
C HIS C 205 -21.95 -3.69 13.88
N GLU C 206 -22.38 -2.64 13.17
CA GLU C 206 -23.65 -1.99 13.43
C GLU C 206 -24.58 -2.18 12.24
N VAL C 207 -25.75 -2.76 12.49
CA VAL C 207 -26.81 -2.90 11.49
C VAL C 207 -28.11 -2.44 12.12
N ASN C 208 -28.87 -1.63 11.38
CA ASN C 208 -30.18 -1.14 11.83
C ASN C 208 -30.09 -0.44 13.17
N GLY C 209 -29.01 0.31 13.39
CA GLY C 209 -28.80 1.05 14.61
C GLY C 209 -28.07 0.33 15.72
N THR C 210 -28.46 -0.91 16.01
CA THR C 210 -27.86 -1.66 17.09
C THR C 210 -26.48 -2.16 16.69
N TRP C 211 -25.68 -2.50 17.71
CA TRP C 211 -24.36 -3.08 17.53
C TRP C 211 -24.38 -4.54 17.93
N MET C 212 -23.66 -5.37 17.18
CA MET C 212 -23.66 -6.81 17.42
C MET C 212 -22.25 -7.38 17.43
N ILE C 213 -22.14 -8.70 17.47
CA ILE C 213 -20.86 -9.41 17.38
C ILE C 213 -20.94 -10.35 16.20
N HIS C 214 -19.92 -10.32 15.35
CA HIS C 214 -19.88 -11.22 14.20
C HIS C 214 -18.61 -12.07 14.16
N THR C 215 -17.71 -11.93 15.14
CA THR C 215 -16.53 -12.78 15.24
C THR C 215 -16.14 -12.83 16.71
N LEU C 216 -15.64 -13.99 17.13
CA LEU C 216 -15.20 -14.16 18.51
C LEU C 216 -14.31 -15.39 18.60
N GLU C 217 -13.11 -15.21 19.13
CA GLU C 217 -12.17 -16.31 19.30
C GLU C 217 -11.52 -16.20 20.67
N ALA C 218 -11.12 -17.35 21.21
CA ALA C 218 -10.45 -17.36 22.51
C ALA C 218 -9.61 -18.63 22.59
N LEU C 219 -8.30 -18.49 22.40
CA LEU C 219 -7.40 -19.63 22.49
C LEU C 219 -7.24 -20.16 23.90
N ASP C 220 -7.74 -19.45 24.91
CA ASP C 220 -7.67 -19.91 26.29
C ASP C 220 -8.84 -19.32 27.06
N TYR C 221 -8.81 -19.48 28.38
CA TYR C 221 -9.87 -19.00 29.26
C TYR C 221 -9.20 -18.20 30.38
N LYS C 222 -8.98 -16.92 30.13
CA LYS C 222 -8.40 -16.04 31.14
C LYS C 222 -9.48 -15.57 32.11
N GLU C 223 -9.05 -14.88 33.16
CA GLU C 223 -10.00 -14.28 34.08
C GLU C 223 -9.56 -12.89 34.53
N CYS C 224 -8.77 -12.21 33.70
CA CYS C 224 -8.44 -10.81 33.93
C CYS C 224 -9.44 -9.95 33.16
N GLU C 225 -10.01 -8.97 33.84
CA GLU C 225 -11.01 -8.10 33.24
C GLU C 225 -10.37 -7.08 32.32
N TRP C 226 -11.10 -6.70 31.28
CA TRP C 226 -10.62 -5.71 30.34
C TRP C 226 -10.52 -4.35 31.04
N PRO C 227 -9.39 -3.65 30.93
CA PRO C 227 -9.27 -2.35 31.58
C PRO C 227 -10.20 -1.33 30.97
N LEU C 228 -10.67 -0.39 31.79
CA LEU C 228 -11.60 0.63 31.29
C LEU C 228 -10.93 1.65 30.38
N THR C 229 -9.60 1.64 30.27
CA THR C 229 -8.90 2.55 29.37
C THR C 229 -8.72 1.96 27.98
N HIS C 230 -9.23 0.75 27.74
CA HIS C 230 -9.06 0.11 26.44
C HIS C 230 -10.38 -0.44 25.91
N THR C 231 -11.49 0.14 26.36
CA THR C 231 -12.82 -0.25 25.90
C THR C 231 -13.43 0.90 25.11
N ILE C 232 -14.16 0.56 24.06
CA ILE C 232 -14.74 1.55 23.15
C ILE C 232 -16.21 1.72 23.49
N GLY C 233 -16.61 2.97 23.77
CA GLY C 233 -18.00 3.27 24.03
C GLY C 233 -18.56 2.63 25.28
N THR C 234 -17.84 2.75 26.39
CA THR C 234 -18.28 2.15 27.65
C THR C 234 -19.48 2.91 28.20
N SER C 235 -20.68 2.48 27.84
CA SER C 235 -21.88 3.14 28.35
C SER C 235 -23.02 2.16 28.66
N VAL C 236 -22.72 0.88 28.85
CA VAL C 236 -23.75 -0.12 29.10
C VAL C 236 -23.41 -0.88 30.36
N GLU C 237 -24.45 -1.45 30.96
CA GLU C 237 -24.34 -2.24 32.19
C GLU C 237 -24.37 -3.73 31.85
N GLU C 238 -24.42 -4.55 32.88
CA GLU C 238 -24.52 -6.00 32.71
C GLU C 238 -25.92 -6.37 32.24
N SER C 239 -26.21 -7.67 32.19
CA SER C 239 -27.48 -8.23 31.74
C SER C 239 -27.79 -7.90 30.28
N GLU C 240 -26.85 -7.26 29.58
CA GLU C 240 -27.02 -6.94 28.17
C GLU C 240 -25.82 -7.35 27.33
N MET C 241 -24.86 -8.07 27.91
CA MET C 241 -23.67 -8.48 27.19
C MET C 241 -23.80 -9.92 26.70
N PHE C 242 -22.80 -10.35 25.93
CA PHE C 242 -22.66 -11.73 25.51
C PHE C 242 -21.48 -12.43 26.14
N MET C 243 -20.42 -11.69 26.45
CA MET C 243 -19.26 -12.22 27.17
C MET C 243 -19.05 -11.40 28.42
N PRO C 244 -19.31 -11.94 29.61
CA PRO C 244 -19.28 -11.11 30.83
C PRO C 244 -17.86 -10.62 31.14
N ARG C 245 -17.78 -9.70 32.10
CA ARG C 245 -16.49 -9.14 32.47
C ARG C 245 -15.59 -10.20 33.10
N SER C 246 -16.17 -11.14 33.86
CA SER C 246 -15.35 -12.08 34.63
C SER C 246 -14.49 -12.94 33.72
N ILE C 247 -15.06 -13.43 32.61
CA ILE C 247 -14.31 -14.26 31.68
C ILE C 247 -13.27 -13.46 30.90
N GLY C 248 -13.26 -12.13 31.05
CA GLY C 248 -12.31 -11.32 30.33
C GLY C 248 -12.92 -10.72 29.09
N GLY C 249 -14.17 -10.28 29.20
CA GLY C 249 -14.88 -9.72 28.08
C GLY C 249 -14.97 -8.21 28.18
N PRO C 250 -14.83 -7.53 27.05
CA PRO C 250 -14.88 -6.07 27.06
C PRO C 250 -16.22 -5.55 27.56
N VAL C 251 -16.18 -4.47 28.32
CA VAL C 251 -17.38 -3.79 28.80
C VAL C 251 -17.66 -2.67 27.81
N SER C 252 -18.49 -2.96 26.82
CA SER C 252 -18.80 -1.98 25.79
C SER C 252 -20.15 -2.30 25.19
N SER C 253 -20.76 -1.30 24.57
CA SER C 253 -22.02 -1.51 23.88
C SER C 253 -21.87 -2.41 22.66
N HIS C 254 -20.65 -2.53 22.11
CA HIS C 254 -20.41 -3.40 20.98
C HIS C 254 -20.45 -4.87 21.34
N ASN C 255 -20.46 -5.20 22.63
CA ASN C 255 -20.42 -6.59 23.09
C ASN C 255 -21.83 -6.98 23.50
N HIS C 256 -22.63 -7.37 22.51
CA HIS C 256 -24.06 -7.59 22.71
C HIS C 256 -24.65 -8.25 21.48
N ILE C 257 -25.56 -9.18 21.70
CA ILE C 257 -26.33 -9.81 20.62
C ILE C 257 -27.80 -9.79 21.00
N PRO C 258 -28.69 -9.27 20.16
CA PRO C 258 -30.11 -9.20 20.52
C PRO C 258 -30.70 -10.58 20.78
N GLY C 259 -31.56 -10.66 21.79
CA GLY C 259 -32.19 -11.90 22.16
C GLY C 259 -31.42 -12.74 23.17
N TYR C 260 -30.24 -12.32 23.58
CA TYR C 260 -29.44 -13.05 24.56
C TYR C 260 -28.97 -12.10 25.65
N LYS C 261 -29.09 -12.54 26.90
CA LYS C 261 -28.52 -11.83 28.03
C LYS C 261 -27.09 -12.32 28.25
N VAL C 262 -26.50 -11.98 29.40
CA VAL C 262 -25.12 -12.37 29.67
C VAL C 262 -25.03 -13.90 29.75
N GLN C 263 -23.88 -14.42 29.30
CA GLN C 263 -23.65 -15.86 29.28
C GLN C 263 -22.86 -16.26 30.53
N THR C 264 -23.51 -16.09 31.69
CA THR C 264 -22.90 -16.52 32.94
C THR C 264 -22.67 -18.03 32.95
N ASN C 265 -23.68 -18.80 32.53
CA ASN C 265 -23.57 -20.24 32.43
C ASN C 265 -23.29 -20.66 30.99
N GLY C 266 -22.18 -20.18 30.45
CA GLY C 266 -21.78 -20.52 29.11
C GLY C 266 -20.66 -21.55 29.11
N PRO C 267 -20.34 -22.08 27.94
CA PRO C 267 -19.23 -23.04 27.81
C PRO C 267 -17.89 -22.34 27.62
N TRP C 268 -17.47 -21.56 28.62
CA TRP C 268 -16.28 -20.74 28.51
C TRP C 268 -15.02 -21.43 29.03
N MET C 269 -15.12 -22.68 29.49
CA MET C 269 -13.99 -23.39 30.06
C MET C 269 -13.37 -24.38 29.09
N GLN C 270 -13.40 -24.08 27.79
CA GLN C 270 -12.99 -25.03 26.78
C GLN C 270 -11.74 -24.54 26.04
N VAL C 271 -11.36 -25.30 25.02
CA VAL C 271 -10.19 -25.05 24.19
C VAL C 271 -10.52 -23.89 23.26
N PRO C 272 -9.63 -23.51 22.31
CA PRO C 272 -10.01 -22.48 21.33
C PRO C 272 -11.45 -22.55 20.85
N LEU C 273 -12.19 -21.47 21.08
CA LEU C 273 -13.60 -21.39 20.80
C LEU C 273 -13.85 -20.58 19.53
N GLU C 274 -15.13 -20.50 19.15
CA GLU C 274 -15.58 -19.62 18.08
C GLU C 274 -17.10 -19.54 18.09
N VAL C 275 -17.64 -18.34 17.94
CA VAL C 275 -19.08 -18.11 17.97
C VAL C 275 -19.60 -18.02 16.55
N LYS C 276 -20.61 -18.83 16.25
CA LYS C 276 -21.20 -18.93 14.92
C LYS C 276 -22.67 -18.55 14.97
N ARG C 277 -23.13 -17.82 13.96
CA ARG C 277 -24.55 -17.53 13.80
C ARG C 277 -25.24 -18.57 12.94
N GLU C 278 -25.10 -19.85 13.33
CA GLU C 278 -25.62 -20.94 12.53
C GLU C 278 -25.86 -22.14 13.43
N ALA C 279 -27.02 -22.76 13.28
CA ALA C 279 -27.31 -23.99 14.00
C ALA C 279 -26.37 -25.10 13.53
N CYS C 280 -26.03 -26.00 14.44
CA CYS C 280 -25.11 -27.07 14.15
C CYS C 280 -25.75 -28.07 13.18
N PRO C 281 -24.94 -28.77 12.39
CA PRO C 281 -25.48 -29.59 11.29
C PRO C 281 -26.53 -30.61 11.73
N GLY C 282 -26.36 -31.24 12.88
CA GLY C 282 -27.27 -32.27 13.32
C GLY C 282 -28.49 -31.82 14.09
N THR C 283 -28.67 -30.52 14.27
CA THR C 283 -29.77 -30.00 15.09
C THR C 283 -30.47 -28.84 14.38
N SER C 284 -31.64 -28.50 14.91
CA SER C 284 -32.39 -27.33 14.46
C SER C 284 -33.25 -26.84 15.62
N VAL C 285 -33.63 -25.57 15.56
CA VAL C 285 -34.37 -24.92 16.64
C VAL C 285 -35.67 -24.36 16.06
N ILE C 286 -36.77 -24.62 16.75
CA ILE C 286 -38.09 -24.11 16.38
C ILE C 286 -38.50 -23.07 17.40
N ILE C 287 -38.84 -21.87 16.93
CA ILE C 287 -39.23 -20.80 17.83
C ILE C 287 -40.56 -21.13 18.48
N ASP C 288 -40.62 -21.02 19.80
CA ASP C 288 -41.80 -21.40 20.56
C ASP C 288 -41.91 -20.47 21.76
N GLY C 289 -42.77 -20.82 22.71
CA GLY C 289 -42.94 -20.03 23.92
C GLY C 289 -43.20 -20.86 25.16
N ASN C 290 -42.85 -22.14 25.11
CA ASN C 290 -43.16 -23.09 26.19
C ASN C 290 -41.90 -23.86 26.58
N CYS C 291 -40.80 -23.14 26.77
CA CYS C 291 -39.53 -23.75 27.15
C CYS C 291 -39.37 -23.72 28.67
N ASP C 292 -38.28 -24.33 29.14
CA ASP C 292 -38.04 -24.47 30.58
C ASP C 292 -37.06 -23.39 31.07
N GLY C 293 -37.48 -22.14 30.92
CA GLY C 293 -36.71 -21.03 31.46
C GLY C 293 -35.34 -20.92 30.85
N ARG C 294 -34.39 -20.46 31.66
CA ARG C 294 -33.01 -20.26 31.22
C ARG C 294 -32.14 -21.47 31.52
N GLY C 295 -32.00 -21.82 32.79
CA GLY C 295 -31.23 -23.01 33.15
C GLY C 295 -29.76 -22.85 32.85
N LYS C 296 -29.22 -23.79 32.07
CA LYS C 296 -27.79 -23.85 31.81
C LYS C 296 -27.55 -24.37 30.40
N SER C 297 -26.35 -24.11 29.89
CA SER C 297 -25.98 -24.58 28.57
C SER C 297 -25.86 -26.10 28.54
N THR C 298 -26.20 -26.69 27.40
CA THR C 298 -26.13 -28.13 27.22
C THR C 298 -25.53 -28.46 25.86
N ARG C 299 -24.63 -29.42 25.83
CA ARG C 299 -24.03 -29.88 24.58
C ARG C 299 -25.08 -30.55 23.71
N SER C 300 -24.89 -30.47 22.39
CA SER C 300 -25.82 -31.10 21.47
C SER C 300 -25.83 -32.61 21.64
N THR C 301 -24.65 -33.22 21.77
CA THR C 301 -24.54 -34.67 21.90
C THR C 301 -24.70 -35.08 23.36
N THR C 302 -25.50 -36.12 23.59
CA THR C 302 -25.68 -36.66 24.93
C THR C 302 -24.45 -37.48 25.33
N ASP C 303 -24.50 -38.03 26.54
CA ASP C 303 -23.38 -38.83 27.04
C ASP C 303 -23.18 -40.09 26.19
N SER C 304 -24.28 -40.74 25.80
CA SER C 304 -24.20 -42.00 25.06
C SER C 304 -23.74 -41.82 23.62
N GLY C 305 -23.66 -40.58 23.14
CA GLY C 305 -23.24 -40.32 21.77
C GLY C 305 -24.34 -39.99 20.80
N LYS C 306 -25.58 -39.85 21.27
CA LYS C 306 -26.69 -39.49 20.40
C LYS C 306 -26.91 -37.98 20.39
N VAL C 307 -27.51 -37.50 19.32
CA VAL C 307 -27.77 -36.07 19.13
C VAL C 307 -29.25 -35.80 19.36
N ILE C 308 -29.55 -34.66 19.97
CA ILE C 308 -30.93 -34.27 20.26
C ILE C 308 -31.38 -33.33 19.15
N PRO C 309 -32.32 -33.74 18.29
CA PRO C 309 -32.76 -32.84 17.20
C PRO C 309 -33.80 -31.83 17.61
N GLU C 310 -34.47 -32.02 18.75
CA GLU C 310 -35.57 -31.15 19.16
C GLU C 310 -35.04 -30.05 20.06
N TRP C 311 -35.21 -28.80 19.63
CA TRP C 311 -34.80 -27.64 20.42
C TRP C 311 -35.90 -26.59 20.33
N CYS C 312 -35.99 -25.76 21.36
CA CYS C 312 -37.00 -24.72 21.44
C CYS C 312 -36.32 -23.41 21.84
N CYS C 313 -37.12 -22.36 21.97
CA CYS C 313 -36.62 -21.03 22.28
C CYS C 313 -37.75 -20.22 22.90
N ARG C 314 -37.38 -19.15 23.59
CA ARG C 314 -38.36 -18.27 24.22
C ARG C 314 -38.38 -16.89 23.58
N SER C 315 -37.26 -16.20 23.54
CA SER C 315 -37.18 -14.86 22.95
C SER C 315 -35.95 -14.68 22.07
N CYS C 316 -35.24 -15.74 21.76
CA CYS C 316 -34.05 -15.62 20.92
C CYS C 316 -34.44 -15.30 19.48
N THR C 317 -33.49 -14.73 18.75
CA THR C 317 -33.72 -14.41 17.35
C THR C 317 -33.79 -15.70 16.53
N MET C 318 -34.27 -15.56 15.30
CA MET C 318 -34.45 -16.74 14.45
C MET C 318 -33.16 -17.52 14.18
N PRO C 319 -31.99 -16.92 13.94
CA PRO C 319 -30.79 -17.74 13.73
C PRO C 319 -30.12 -18.04 15.05
N PRO C 320 -30.05 -19.32 15.44
CA PRO C 320 -29.41 -19.66 16.71
C PRO C 320 -27.89 -19.52 16.63
N VAL C 321 -27.28 -19.36 17.80
CA VAL C 321 -25.83 -19.24 17.92
C VAL C 321 -25.28 -20.51 18.56
N SER C 322 -24.02 -20.81 18.27
CA SER C 322 -23.41 -22.04 18.76
C SER C 322 -21.90 -21.88 18.78
N PHE C 323 -21.26 -22.50 19.77
CA PHE C 323 -19.81 -22.49 19.91
C PHE C 323 -19.21 -23.74 19.27
N HIS C 324 -17.88 -23.77 19.20
CA HIS C 324 -17.17 -24.92 18.66
C HIS C 324 -15.83 -25.05 19.40
N GLY C 325 -15.81 -25.88 20.43
CA GLY C 325 -14.60 -26.06 21.21
C GLY C 325 -14.00 -27.44 21.08
N SER C 326 -13.82 -28.14 22.20
CA SER C 326 -13.28 -29.49 22.19
C SER C 326 -14.38 -30.54 22.12
N ASP C 327 -15.31 -30.50 23.08
CA ASP C 327 -16.42 -31.43 23.09
C ASP C 327 -17.39 -31.22 21.93
N GLY C 328 -17.30 -30.09 21.23
CA GLY C 328 -18.12 -29.86 20.06
C GLY C 328 -19.10 -28.72 20.23
N CYS C 329 -20.29 -28.88 19.64
CA CYS C 329 -21.31 -27.84 19.70
C CYS C 329 -21.86 -27.69 21.11
N TRP C 330 -22.00 -26.44 21.54
CA TRP C 330 -22.68 -26.10 22.79
C TRP C 330 -23.67 -24.99 22.51
N TYR C 331 -24.88 -25.17 22.97
CA TYR C 331 -25.83 -24.09 22.73
C TYR C 331 -25.92 -23.18 23.94
N PRO C 332 -26.28 -21.90 23.73
CA PRO C 332 -26.35 -20.96 24.85
C PRO C 332 -27.47 -21.25 25.82
N MET C 333 -27.63 -20.37 26.82
CA MET C 333 -28.57 -20.61 27.91
C MET C 333 -30.02 -20.56 27.45
N GLU C 334 -30.31 -19.88 26.34
CA GLU C 334 -31.69 -19.69 25.91
C GLU C 334 -32.26 -20.88 25.15
N ILE C 335 -31.44 -21.85 24.78
CA ILE C 335 -31.87 -23.02 24.01
C ILE C 335 -31.86 -24.22 24.94
N ARG C 336 -33.04 -24.81 25.16
CA ARG C 336 -33.24 -25.98 26.00
C ARG C 336 -33.95 -27.08 25.23
N PRO C 337 -33.76 -28.35 25.62
CA PRO C 337 -34.44 -29.44 24.89
C PRO C 337 -35.84 -29.65 25.43
N ARG C 338 -36.78 -29.91 24.52
CA ARG C 338 -38.18 -30.09 24.89
C ARG C 338 -38.48 -31.54 25.23
N VAL C 346 -22.50 -31.09 35.77
CA VAL C 346 -21.46 -31.85 35.08
C VAL C 346 -21.15 -31.17 33.75
N ARG C 347 -22.08 -30.34 33.29
CA ARG C 347 -21.91 -29.56 32.07
C ARG C 347 -21.05 -28.34 32.38
N SER C 348 -21.08 -27.34 31.50
CA SER C 348 -20.31 -26.12 31.72
C SER C 348 -20.70 -25.49 33.05
N TRP C 349 -19.74 -25.39 33.96
CA TRP C 349 -19.96 -24.97 35.33
C TRP C 349 -19.23 -23.67 35.63
N VAL C 350 -19.25 -22.76 34.66
CA VAL C 350 -18.62 -21.45 34.84
C VAL C 350 -19.29 -20.64 35.93
N THR C 351 -20.62 -20.60 35.97
CA THR C 351 -21.38 -19.82 36.95
C THR C 351 -20.98 -18.34 36.92
N ASP D 1 -4.45 -2.10 -12.64
CA ASP D 1 -3.41 -2.55 -11.74
C ASP D 1 -3.19 -1.55 -10.60
N GLN D 2 -4.06 -1.63 -9.60
CA GLN D 2 -3.97 -0.75 -8.43
C GLN D 2 -3.25 -1.48 -7.32
N GLY D 3 -2.24 -0.86 -6.74
CA GLY D 3 -1.47 -1.52 -5.70
C GLY D 3 -0.40 -0.61 -5.14
N CYS D 4 0.46 -1.20 -4.31
CA CYS D 4 1.54 -0.51 -3.64
C CYS D 4 2.85 -1.24 -3.91
N ALA D 5 3.96 -0.60 -3.52
CA ALA D 5 5.26 -1.21 -3.65
C ALA D 5 6.21 -0.56 -2.66
N ILE D 6 7.18 -1.35 -2.19
CA ILE D 6 8.18 -0.88 -1.23
C ILE D 6 9.56 -1.25 -1.76
N ASN D 7 10.47 -0.29 -1.74
CA ASN D 7 11.86 -0.51 -2.15
C ASN D 7 12.73 -0.10 -0.96
N PHE D 8 13.21 -1.10 -0.21
CA PHE D 8 13.95 -0.83 1.02
C PHE D 8 15.24 -0.07 0.75
N GLY D 9 15.82 -0.24 -0.44
CA GLY D 9 17.02 0.52 -0.78
C GLY D 9 16.73 1.99 -0.94
N LYS D 10 15.64 2.34 -1.62
CA LYS D 10 15.26 3.72 -1.87
C LYS D 10 14.20 4.24 -0.92
N ARG D 11 13.74 3.41 0.01
CA ARG D 11 12.75 3.76 1.03
C ARG D 11 11.63 4.64 0.46
N GLU D 12 10.95 4.09 -0.55
CA GLU D 12 9.82 4.75 -1.19
C GLU D 12 8.57 3.90 -1.02
N LEU D 13 7.43 4.57 -0.90
CA LEU D 13 6.14 3.94 -0.63
C LEU D 13 5.06 4.52 -1.54
N LYS D 14 5.35 4.60 -2.83
CA LYS D 14 4.37 5.11 -3.78
C LYS D 14 3.30 4.06 -4.06
N CYS D 15 2.05 4.51 -4.16
CA CYS D 15 0.91 3.65 -4.42
C CYS D 15 0.05 4.27 -5.49
N GLY D 16 -0.99 3.55 -5.90
CA GLY D 16 -1.92 4.06 -6.88
C GLY D 16 -2.04 3.19 -8.12
N ASP D 17 -1.88 3.81 -9.30
CA ASP D 17 -2.07 3.15 -10.58
C ASP D 17 -0.76 3.16 -11.36
N GLY D 18 -0.59 2.12 -12.18
CA GLY D 18 0.63 2.04 -12.98
C GLY D 18 0.74 0.68 -13.66
N ILE D 19 1.99 0.25 -13.84
CA ILE D 19 2.31 -1.03 -14.46
C ILE D 19 3.22 -1.80 -13.52
N PHE D 20 2.85 -3.05 -13.24
CA PHE D 20 3.64 -3.92 -12.37
C PHE D 20 4.03 -5.19 -13.12
N ILE D 21 5.22 -5.69 -12.81
CA ILE D 21 5.70 -6.96 -13.33
C ILE D 21 6.09 -7.84 -12.15
N PHE D 22 5.81 -9.13 -12.26
CA PHE D 22 6.00 -10.08 -11.18
C PHE D 22 7.13 -11.06 -11.50
N ARG D 23 7.42 -11.92 -10.53
CA ARG D 23 8.52 -12.87 -10.64
C ARG D 23 8.01 -14.30 -10.52
N ASP D 24 6.92 -14.61 -11.24
CA ASP D 24 6.33 -15.93 -11.14
C ASP D 24 7.05 -16.94 -12.01
N SER D 25 8.37 -17.04 -11.85
CA SER D 25 9.15 -18.08 -12.50
C SER D 25 9.37 -19.29 -11.59
N ASP D 26 8.99 -19.19 -10.33
CA ASP D 26 9.15 -20.29 -9.38
C ASP D 26 7.93 -21.21 -9.44
N ASP D 27 7.80 -22.08 -8.45
CA ASP D 27 6.70 -23.05 -8.43
C ASP D 27 5.39 -22.38 -8.02
N TRP D 28 4.87 -21.50 -8.89
CA TRP D 28 3.60 -20.83 -8.64
C TRP D 28 2.62 -20.93 -9.79
N LEU D 29 3.03 -21.45 -10.95
CA LEU D 29 2.13 -21.56 -12.09
C LEU D 29 1.11 -22.68 -11.92
N ASN D 30 1.29 -23.56 -10.92
CA ASN D 30 0.38 -24.69 -10.77
C ASN D 30 -0.91 -24.28 -10.07
N LYS D 31 -0.98 -23.03 -9.58
CA LYS D 31 -2.18 -22.56 -8.91
C LYS D 31 -3.38 -22.54 -9.86
N TYR D 32 -3.22 -21.90 -11.02
CA TYR D 32 -4.33 -21.72 -11.95
C TYR D 32 -4.27 -22.79 -13.04
N SER D 33 -5.37 -23.54 -13.20
CA SER D 33 -5.45 -24.53 -14.25
C SER D 33 -5.59 -23.86 -15.61
N TYR D 34 -5.33 -24.63 -16.66
CA TYR D 34 -5.34 -24.13 -18.03
C TYR D 34 -6.41 -24.85 -18.82
N TYR D 35 -7.41 -24.09 -19.30
CA TYR D 35 -8.53 -24.65 -20.05
C TYR D 35 -8.50 -24.15 -21.49
N PRO D 36 -8.09 -24.96 -22.45
CA PRO D 36 -8.18 -24.54 -23.86
C PRO D 36 -9.62 -24.31 -24.28
N GLU D 37 -9.82 -23.34 -25.17
CA GLU D 37 -11.14 -23.00 -25.65
C GLU D 37 -11.68 -24.11 -26.56
N ASP D 38 -12.92 -24.53 -26.28
CA ASP D 38 -13.64 -25.52 -27.09
C ASP D 38 -12.82 -26.78 -27.31
N PRO D 39 -12.67 -27.64 -26.30
CA PRO D 39 -11.90 -28.88 -26.48
C PRO D 39 -12.45 -29.76 -27.58
N VAL D 40 -13.75 -29.66 -27.88
CA VAL D 40 -14.33 -30.45 -28.96
C VAL D 40 -13.70 -30.08 -30.31
N LYS D 41 -13.45 -28.78 -30.53
CA LYS D 41 -12.87 -28.34 -31.78
C LYS D 41 -11.46 -28.88 -31.97
N LEU D 42 -10.69 -29.01 -30.88
CA LEU D 42 -9.31 -29.47 -31.00
C LEU D 42 -9.23 -30.88 -31.58
N ALA D 43 -10.22 -31.72 -31.31
CA ALA D 43 -10.20 -33.08 -31.84
C ALA D 43 -10.25 -33.09 -33.35
N SER D 44 -11.05 -32.22 -33.96
CA SER D 44 -11.11 -32.15 -35.42
C SER D 44 -9.76 -31.72 -36.00
N ILE D 45 -9.10 -30.76 -35.37
CA ILE D 45 -7.80 -30.31 -35.87
C ILE D 45 -6.76 -31.42 -35.73
N VAL D 46 -6.81 -32.16 -34.61
CA VAL D 46 -5.89 -33.28 -34.43
C VAL D 46 -6.12 -34.34 -35.50
N LYS D 47 -7.39 -34.66 -35.78
CA LYS D 47 -7.71 -35.63 -36.81
C LYS D 47 -7.23 -35.16 -38.18
N ALA D 48 -7.41 -33.87 -38.48
CA ALA D 48 -6.97 -33.35 -39.77
C ALA D 48 -5.45 -33.41 -39.91
N SER D 49 -4.73 -33.11 -38.82
CA SER D 49 -3.28 -33.15 -38.88
C SER D 49 -2.75 -34.57 -39.13
N PHE D 50 -3.42 -35.58 -38.56
CA PHE D 50 -2.96 -36.96 -38.72
C PHE D 50 -3.03 -37.43 -40.17
N GLU D 51 -3.85 -36.79 -41.01
CA GLU D 51 -4.02 -37.25 -42.38
C GLU D 51 -2.72 -37.15 -43.17
N GLU D 52 -1.98 -36.05 -43.02
CA GLU D 52 -0.76 -35.86 -43.77
C GLU D 52 0.31 -36.87 -43.35
N GLY D 53 0.43 -37.13 -42.06
CA GLY D 53 1.45 -38.04 -41.57
C GLY D 53 2.37 -37.41 -40.56
N LYS D 54 1.93 -36.29 -39.97
CA LYS D 54 2.76 -35.59 -38.99
C LYS D 54 2.89 -36.43 -37.73
N CYS D 55 4.14 -36.62 -37.28
CA CYS D 55 4.39 -37.50 -36.14
C CYS D 55 3.70 -37.00 -34.88
N GLY D 56 3.85 -35.72 -34.56
CA GLY D 56 3.21 -35.18 -33.37
C GLY D 56 3.66 -33.77 -33.10
N LEU D 57 3.14 -33.24 -31.99
CA LEU D 57 3.40 -31.87 -31.55
C LEU D 57 4.34 -31.91 -30.36
N ASN D 58 5.52 -31.32 -30.53
CA ASN D 58 6.46 -31.17 -29.41
C ASN D 58 6.29 -29.79 -28.77
N SER D 59 5.85 -29.78 -27.51
CA SER D 59 5.52 -28.55 -26.82
C SER D 59 6.77 -27.69 -26.65
N VAL D 60 6.54 -26.41 -26.36
CA VAL D 60 7.64 -25.46 -26.19
C VAL D 60 7.76 -24.95 -24.74
N ASP D 61 6.68 -24.96 -23.98
CA ASP D 61 6.69 -24.48 -22.60
C ASP D 61 6.20 -25.58 -21.67
N SER D 62 6.64 -25.51 -20.41
CA SER D 62 6.15 -26.45 -19.41
C SER D 62 4.66 -26.31 -19.19
N LEU D 63 4.11 -25.11 -19.37
CA LEU D 63 2.67 -24.91 -19.28
C LEU D 63 1.95 -25.70 -20.38
N GLU D 64 2.51 -25.68 -21.59
CA GLU D 64 1.92 -26.44 -22.69
C GLU D 64 1.93 -27.92 -22.40
N HIS D 65 3.03 -28.44 -21.86
CA HIS D 65 3.10 -29.87 -21.53
C HIS D 65 2.12 -30.22 -20.41
N GLU D 66 2.00 -29.35 -19.40
CA GLU D 66 1.02 -29.59 -18.35
C GLU D 66 -0.40 -29.57 -18.87
N MET D 67 -0.68 -28.74 -19.88
CA MET D 67 -2.01 -28.75 -20.49
C MET D 67 -2.31 -30.12 -21.10
N TRP D 68 -1.36 -30.69 -21.83
CA TRP D 68 -1.56 -32.02 -22.40
C TRP D 68 -1.67 -33.08 -21.32
N ARG D 69 -0.87 -32.96 -20.26
CA ARG D 69 -0.97 -33.92 -19.16
C ARG D 69 -2.35 -33.89 -18.52
N SER D 70 -2.89 -32.69 -18.33
CA SER D 70 -4.21 -32.56 -17.71
C SER D 70 -5.32 -33.04 -18.64
N ARG D 71 -5.19 -32.77 -19.94
CA ARG D 71 -6.25 -33.08 -20.89
C ARG D 71 -6.12 -34.48 -21.49
N ALA D 72 -5.06 -35.22 -21.15
CA ALA D 72 -4.92 -36.58 -21.70
C ALA D 72 -6.08 -37.47 -21.29
N ASP D 73 -6.47 -37.42 -20.01
CA ASP D 73 -7.61 -38.20 -19.54
C ASP D 73 -8.95 -37.59 -19.91
N GLU D 74 -8.99 -36.31 -20.25
CA GLU D 74 -10.23 -35.61 -20.57
C GLU D 74 -10.59 -35.64 -22.05
N ILE D 75 -9.63 -35.89 -22.93
CA ILE D 75 -9.91 -35.90 -24.36
C ILE D 75 -9.79 -37.29 -24.98
N ASN D 76 -9.06 -38.22 -24.35
CA ASN D 76 -8.93 -39.55 -24.94
C ASN D 76 -10.26 -40.28 -25.00
N ALA D 77 -11.07 -40.16 -23.95
CA ALA D 77 -12.37 -40.82 -23.90
C ALA D 77 -13.45 -40.08 -24.67
N ILE D 78 -13.15 -38.90 -25.21
CA ILE D 78 -14.17 -38.12 -25.93
C ILE D 78 -14.39 -38.68 -27.32
N PHE D 79 -13.31 -38.86 -28.09
CA PHE D 79 -13.45 -39.30 -29.47
C PHE D 79 -13.71 -40.80 -29.59
N GLU D 80 -13.86 -41.51 -28.46
CA GLU D 80 -14.21 -42.93 -28.53
C GLU D 80 -15.60 -43.11 -29.14
N GLU D 81 -16.52 -42.21 -28.82
CA GLU D 81 -17.86 -42.29 -29.41
C GLU D 81 -17.82 -42.10 -30.92
N ASN D 82 -16.99 -41.17 -31.40
CA ASN D 82 -16.89 -40.89 -32.83
C ASN D 82 -16.21 -42.00 -33.62
N GLU D 83 -15.57 -42.95 -32.94
CA GLU D 83 -14.91 -44.10 -33.57
C GLU D 83 -13.87 -43.65 -34.60
N VAL D 84 -12.99 -42.77 -34.15
CA VAL D 84 -11.84 -42.35 -34.94
C VAL D 84 -10.60 -43.16 -34.62
N ASP D 85 -10.43 -43.51 -33.34
CA ASP D 85 -9.37 -44.40 -32.87
C ASP D 85 -7.98 -43.86 -33.21
N ILE D 86 -7.69 -42.67 -32.71
CA ILE D 86 -6.35 -42.09 -32.76
C ILE D 86 -5.88 -41.98 -31.32
N SER D 87 -5.16 -42.99 -30.85
CA SER D 87 -4.70 -43.01 -29.47
C SER D 87 -3.67 -41.92 -29.23
N VAL D 88 -3.79 -41.25 -28.09
CA VAL D 88 -2.87 -40.19 -27.69
C VAL D 88 -2.03 -40.70 -26.53
N VAL D 89 -0.73 -40.76 -26.72
CA VAL D 89 0.22 -41.15 -25.67
C VAL D 89 1.19 -39.99 -25.47
N VAL D 90 1.42 -39.63 -24.22
CA VAL D 90 2.22 -38.46 -23.87
C VAL D 90 3.53 -38.96 -23.25
N GLN D 91 4.64 -38.74 -23.93
CA GLN D 91 5.94 -39.04 -23.35
C GLN D 91 6.34 -37.97 -22.35
N ASP D 92 7.47 -38.18 -21.70
CA ASP D 92 7.94 -37.31 -20.62
C ASP D 92 9.39 -36.92 -20.85
N PRO D 93 9.64 -35.96 -21.75
CA PRO D 93 10.96 -35.32 -21.77
C PRO D 93 11.08 -34.32 -20.65
N LYS D 94 12.18 -34.39 -19.90
CA LYS D 94 12.27 -33.63 -18.66
C LYS D 94 12.22 -32.14 -18.90
N ASN D 95 13.28 -31.57 -19.51
CA ASN D 95 13.29 -30.12 -19.74
C ASN D 95 14.02 -29.74 -21.03
N VAL D 96 13.95 -30.58 -22.06
CA VAL D 96 14.81 -30.42 -23.23
C VAL D 96 13.92 -30.09 -24.43
N TYR D 97 12.88 -29.29 -24.19
CA TYR D 97 11.93 -28.88 -25.23
C TYR D 97 12.67 -28.25 -26.40
N GLN D 98 12.63 -28.89 -27.57
CA GLN D 98 13.41 -28.43 -28.70
C GLN D 98 12.52 -27.80 -29.76
N ARG D 99 13.13 -27.42 -30.88
CA ARG D 99 12.47 -26.67 -31.94
C ARG D 99 12.08 -27.60 -33.09
N GLY D 100 10.85 -27.48 -33.55
CA GLY D 100 10.40 -28.13 -34.77
C GLY D 100 10.03 -27.10 -35.82
N THR D 101 10.03 -27.50 -37.09
CA THR D 101 9.77 -26.56 -38.19
C THR D 101 8.60 -27.09 -39.03
N HIS D 102 7.38 -26.81 -38.59
CA HIS D 102 6.14 -27.06 -39.31
C HIS D 102 4.95 -26.42 -38.61
N PRO D 103 4.06 -25.75 -39.33
CA PRO D 103 2.81 -25.30 -38.73
C PRO D 103 1.72 -26.36 -38.87
N PHE D 104 0.53 -26.08 -38.34
CA PHE D 104 -0.58 -27.01 -38.51
C PHE D 104 -1.10 -26.97 -39.94
N SER D 105 -1.92 -27.96 -40.28
CA SER D 105 -2.51 -28.07 -41.61
C SER D 105 -3.96 -27.61 -41.57
N ARG D 106 -4.40 -27.04 -42.68
CA ARG D 106 -5.76 -26.53 -42.80
C ARG D 106 -6.78 -27.67 -42.81
N ILE D 107 -8.00 -27.34 -42.40
CA ILE D 107 -9.07 -28.34 -42.38
C ILE D 107 -9.61 -28.51 -43.79
N ARG D 108 -9.63 -29.76 -44.26
CA ARG D 108 -10.11 -30.06 -45.60
C ARG D 108 -11.32 -30.98 -45.53
N ASN D 130 -3.07 -49.72 -34.82
CA ASN D 130 -2.23 -49.45 -33.67
C ASN D 130 -1.62 -48.05 -33.81
N GLY D 131 -2.35 -47.16 -34.47
CA GLY D 131 -1.88 -45.80 -34.63
C GLY D 131 -1.86 -45.05 -33.30
N SER D 132 -0.81 -44.23 -33.12
CA SER D 132 -0.66 -43.46 -31.90
C SER D 132 -0.19 -42.05 -32.27
N PHE D 133 -0.84 -41.05 -31.68
CA PHE D 133 -0.41 -39.65 -31.86
C PHE D 133 0.61 -39.34 -30.78
N ILE D 134 1.89 -39.58 -31.10
CA ILE D 134 2.96 -39.37 -30.14
C ILE D 134 3.16 -37.87 -29.92
N ILE D 135 3.44 -37.51 -28.66
CA ILE D 135 3.75 -36.13 -28.28
C ILE D 135 5.14 -36.12 -27.67
N ASP D 136 5.99 -35.20 -28.13
CA ASP D 136 7.37 -35.10 -27.65
C ASP D 136 8.14 -36.39 -27.90
N GLY D 137 7.97 -36.97 -29.08
CA GLY D 137 8.68 -38.18 -29.41
C GLY D 137 10.18 -37.96 -29.50
N LYS D 138 10.92 -39.01 -29.14
CA LYS D 138 12.38 -38.93 -29.13
C LYS D 138 12.92 -38.99 -30.56
N SER D 139 14.25 -39.06 -30.67
CA SER D 139 14.92 -39.10 -31.96
C SER D 139 14.88 -40.51 -32.56
N ARG D 140 13.66 -41.01 -32.71
CA ARG D 140 13.46 -42.34 -33.28
C ARG D 140 13.73 -42.33 -34.77
N LYS D 141 14.05 -43.52 -35.30
CA LYS D 141 14.37 -43.66 -36.71
C LYS D 141 13.16 -43.41 -37.61
N GLU D 142 11.94 -43.48 -37.04
CA GLU D 142 10.75 -43.30 -37.86
C GLU D 142 10.63 -41.87 -38.38
N CYS D 143 10.96 -40.88 -37.56
CA CYS D 143 11.03 -39.49 -38.01
C CYS D 143 11.80 -38.69 -36.98
N PRO D 144 12.55 -37.67 -37.40
CA PRO D 144 13.35 -36.89 -36.45
C PRO D 144 12.54 -35.82 -35.74
N PHE D 145 13.23 -34.95 -35.01
CA PHE D 145 12.56 -33.84 -34.34
C PHE D 145 11.83 -32.95 -35.33
N SER D 146 12.32 -32.86 -36.56
CA SER D 146 11.65 -32.09 -37.60
C SER D 146 10.37 -32.80 -38.05
N ASN D 147 9.74 -32.22 -39.06
CA ASN D 147 8.46 -32.74 -39.59
C ASN D 147 7.41 -32.82 -38.49
N ARG D 148 7.41 -31.83 -37.60
CA ARG D 148 6.49 -31.80 -36.47
C ARG D 148 6.07 -30.36 -36.19
N VAL D 149 4.89 -30.21 -35.60
CA VAL D 149 4.40 -28.91 -35.18
C VAL D 149 5.11 -28.52 -33.88
N TRP D 150 5.60 -27.28 -33.81
CA TRP D 150 6.36 -26.83 -32.66
C TRP D 150 5.68 -25.69 -31.91
N ASN D 151 5.39 -24.59 -32.58
CA ASN D 151 4.94 -23.36 -31.92
C ASN D 151 3.73 -22.78 -32.62
N SER D 152 2.78 -23.62 -33.01
CA SER D 152 1.56 -23.15 -33.67
C SER D 152 0.43 -23.05 -32.63
N PHE D 153 0.58 -22.08 -31.74
CA PHE D 153 -0.42 -21.82 -30.71
C PHE D 153 -0.31 -20.37 -30.27
N GLN D 154 -1.36 -19.90 -29.59
CA GLN D 154 -1.38 -18.54 -29.06
C GLN D 154 -2.35 -18.48 -27.89
N ILE D 155 -2.14 -17.49 -27.03
CA ILE D 155 -2.97 -17.28 -25.86
C ILE D 155 -4.04 -16.24 -26.19
N GLU D 156 -5.22 -16.40 -25.60
CA GLU D 156 -6.32 -15.48 -25.88
C GLU D 156 -6.18 -14.19 -25.08
N GLU D 157 -6.22 -14.29 -23.76
CA GLU D 157 -5.98 -13.14 -22.91
C GLU D 157 -5.61 -13.60 -21.51
N PHE D 158 -4.83 -12.76 -20.82
CA PHE D 158 -4.50 -12.94 -19.40
C PHE D 158 -3.90 -14.32 -19.14
N GLY D 159 -3.02 -14.77 -20.03
CA GLY D 159 -2.36 -16.05 -19.87
C GLY D 159 -1.44 -16.09 -18.66
N THR D 165 -14.66 -18.88 -15.63
CA THR D 165 -13.60 -17.89 -15.54
C THR D 165 -13.11 -17.47 -16.92
N ARG D 166 -11.91 -17.90 -17.29
CA ARG D 166 -11.33 -17.56 -18.58
C ARG D 166 -10.87 -18.85 -19.26
N VAL D 167 -10.88 -18.84 -20.58
CA VAL D 167 -10.30 -19.90 -21.40
C VAL D 167 -9.35 -19.24 -22.39
N TYR D 168 -8.10 -19.69 -22.40
CA TYR D 168 -7.03 -18.99 -23.13
C TYR D 168 -6.19 -19.99 -23.91
N MET D 169 -6.64 -20.29 -25.14
CA MET D 169 -5.86 -21.05 -26.11
C MET D 169 -6.42 -20.75 -27.49
N ASP D 170 -5.56 -20.78 -28.50
CA ASP D 170 -5.98 -20.54 -29.87
C ASP D 170 -5.03 -21.27 -30.81
N ALA D 171 -5.58 -22.12 -31.68
CA ALA D 171 -4.80 -22.85 -32.66
C ALA D 171 -4.75 -22.05 -33.96
N VAL D 172 -3.61 -21.43 -34.23
CA VAL D 172 -3.41 -20.61 -35.42
C VAL D 172 -2.44 -21.32 -36.34
N PHE D 173 -2.49 -20.94 -37.62
CA PHE D 173 -1.61 -21.49 -38.65
C PHE D 173 -0.44 -20.56 -38.97
N GLU D 174 0.03 -19.80 -37.99
CA GLU D 174 1.09 -18.83 -38.18
C GLU D 174 2.37 -19.38 -37.55
N TYR D 175 3.29 -19.84 -38.38
CA TYR D 175 4.56 -20.36 -37.90
C TYR D 175 5.49 -19.19 -37.57
N THR D 176 5.79 -19.02 -36.28
CA THR D 176 6.63 -17.93 -35.81
C THR D 176 7.78 -18.51 -34.99
N ILE D 177 8.92 -17.83 -35.02
CA ILE D 177 10.14 -18.34 -34.42
C ILE D 177 10.42 -17.57 -33.14
N ASP D 178 9.38 -17.04 -32.52
CA ASP D 178 9.52 -16.31 -31.27
C ASP D 178 8.60 -16.88 -30.20
N CYS D 179 8.82 -16.46 -28.97
CA CYS D 179 7.93 -16.84 -27.88
C CYS D 179 6.65 -16.02 -27.96
N ASP D 180 5.60 -16.52 -27.32
CA ASP D 180 4.33 -15.79 -27.32
C ASP D 180 4.41 -14.64 -26.34
N GLY D 181 4.08 -13.43 -26.81
CA GLY D 181 4.30 -12.21 -26.06
C GLY D 181 3.21 -11.81 -25.10
N SER D 182 2.17 -12.62 -24.91
CA SER D 182 1.08 -12.24 -24.04
C SER D 182 1.30 -12.65 -22.59
N ILE D 183 2.45 -13.23 -22.27
CA ILE D 183 2.72 -13.72 -20.92
C ILE D 183 4.06 -13.17 -20.43
N LEU D 184 4.81 -12.55 -21.33
CA LEU D 184 6.16 -12.10 -21.02
C LEU D 184 6.12 -10.75 -20.29
N GLY D 185 7.28 -10.14 -20.16
CA GLY D 185 7.38 -8.83 -19.54
C GLY D 185 8.83 -8.40 -19.46
N ALA D 186 9.00 -7.11 -19.17
CA ALA D 186 10.31 -6.50 -18.97
C ALA D 186 10.10 -5.19 -18.25
N ALA D 187 11.13 -4.74 -17.54
CA ALA D 187 10.98 -3.53 -16.76
C ALA D 187 12.33 -2.92 -16.46
N VAL D 188 12.35 -1.59 -16.39
CA VAL D 188 13.52 -0.84 -15.94
C VAL D 188 13.02 0.28 -15.02
N ASN D 189 13.72 0.47 -13.91
CA ASN D 189 13.32 1.43 -12.89
C ASN D 189 14.49 2.32 -12.50
N GLY D 190 15.21 2.82 -13.48
CA GLY D 190 16.44 3.54 -13.21
C GLY D 190 17.66 2.75 -13.63
N LYS D 191 18.37 2.19 -12.65
CA LYS D 191 19.53 1.35 -12.92
C LYS D 191 19.23 -0.14 -12.76
N LYS D 192 18.00 -0.50 -12.41
CA LYS D 192 17.62 -1.90 -12.30
C LYS D 192 17.15 -2.44 -13.66
N SER D 193 16.74 -3.69 -13.68
CA SER D 193 16.29 -4.35 -14.90
C SER D 193 15.63 -5.66 -14.52
N ALA D 194 14.85 -6.21 -15.46
CA ALA D 194 14.21 -7.50 -15.27
C ALA D 194 13.67 -7.97 -16.60
N HIS D 195 13.95 -9.22 -16.96
CA HIS D 195 13.39 -9.83 -18.18
C HIS D 195 12.53 -11.01 -17.74
N GLY D 196 11.28 -10.73 -17.41
CA GLY D 196 10.41 -11.74 -16.86
C GLY D 196 9.85 -12.70 -17.89
N SER D 197 9.45 -13.87 -17.39
CA SER D 197 8.90 -14.94 -18.20
C SER D 197 8.38 -16.03 -17.26
N PRO D 198 7.41 -16.83 -17.69
CA PRO D 198 6.93 -17.91 -16.82
C PRO D 198 7.99 -18.92 -16.44
N THR D 199 8.95 -19.20 -17.32
CA THR D 199 10.00 -20.18 -17.05
C THR D 199 11.38 -19.60 -17.36
N PHE D 200 11.60 -18.35 -17.00
CA PHE D 200 12.85 -17.66 -17.33
C PHE D 200 12.87 -16.33 -16.59
N TRP D 201 14.07 -15.91 -16.16
CA TRP D 201 14.22 -14.65 -15.45
C TRP D 201 15.67 -14.23 -15.51
N MET D 202 15.91 -12.96 -15.84
CA MET D 202 17.25 -12.40 -15.91
C MET D 202 17.23 -11.01 -15.30
N GLY D 203 17.94 -10.83 -14.19
CA GLY D 203 18.06 -9.54 -13.55
C GLY D 203 19.38 -8.88 -13.93
N SER D 204 19.32 -7.59 -14.22
CA SER D 204 20.49 -6.84 -14.64
C SER D 204 20.59 -5.56 -13.84
N HIS D 205 21.81 -5.04 -13.75
CA HIS D 205 22.09 -3.81 -13.04
C HIS D 205 23.30 -3.14 -13.68
N GLU D 206 23.41 -1.83 -13.48
CA GLU D 206 24.48 -1.04 -14.07
C GLU D 206 25.47 -0.65 -12.99
N VAL D 207 26.73 -1.01 -13.18
CA VAL D 207 27.82 -0.61 -12.29
C VAL D 207 28.99 -0.16 -13.15
N ASN D 208 29.63 0.95 -12.76
CA ASN D 208 30.81 1.47 -13.44
C ASN D 208 30.54 1.71 -14.92
N GLY D 209 29.34 2.22 -15.22
CA GLY D 209 28.99 2.57 -16.58
C GLY D 209 28.35 1.46 -17.39
N THR D 210 29.07 0.36 -17.60
CA THR D 210 28.54 -0.74 -18.37
C THR D 210 27.47 -1.48 -17.58
N TRP D 211 26.71 -2.30 -18.31
CA TRP D 211 25.61 -3.08 -17.72
C TRP D 211 26.04 -4.54 -17.56
N MET D 212 25.63 -5.14 -16.45
CA MET D 212 26.05 -6.49 -16.11
C MET D 212 24.85 -7.32 -15.67
N ILE D 213 25.03 -8.64 -15.74
CA ILE D 213 24.03 -9.59 -15.28
C ILE D 213 24.40 -10.04 -13.88
N HIS D 214 23.39 -10.22 -13.02
CA HIS D 214 23.64 -10.75 -11.69
C HIS D 214 22.66 -11.83 -11.28
N THR D 215 21.71 -12.20 -12.14
CA THR D 215 20.82 -13.33 -11.87
C THR D 215 20.34 -13.89 -13.19
N LEU D 216 20.14 -15.21 -13.23
CA LEU D 216 19.64 -15.86 -14.43
C LEU D 216 19.14 -17.25 -14.04
N GLU D 217 17.87 -17.51 -14.31
CA GLU D 217 17.26 -18.81 -14.00
C GLU D 217 16.44 -19.28 -15.19
N ALA D 218 16.34 -20.60 -15.32
CA ALA D 218 15.58 -21.20 -16.43
C ALA D 218 15.13 -22.59 -16.00
N LEU D 219 13.84 -22.74 -15.72
CA LEU D 219 13.28 -24.02 -15.32
C LEU D 219 13.22 -25.01 -16.48
N ASP D 220 13.44 -24.57 -17.71
CA ASP D 220 13.44 -25.45 -18.86
C ASP D 220 14.49 -24.97 -19.85
N TYR D 221 14.44 -25.52 -21.06
CA TYR D 221 15.33 -25.14 -22.16
C TYR D 221 14.46 -24.87 -23.38
N LYS D 222 13.97 -23.65 -23.50
CA LYS D 222 13.17 -23.27 -24.66
C LYS D 222 14.08 -22.97 -25.85
N GLU D 223 13.47 -22.78 -27.01
CA GLU D 223 14.23 -22.33 -28.17
C GLU D 223 13.49 -21.27 -28.99
N CYS D 224 12.44 -20.67 -28.43
CA CYS D 224 11.83 -19.51 -29.05
C CYS D 224 12.59 -18.25 -28.65
N GLU D 225 12.98 -17.47 -29.65
CA GLU D 225 13.74 -16.26 -29.39
C GLU D 225 12.86 -15.18 -28.75
N TRP D 226 13.48 -14.35 -27.93
CA TRP D 226 12.74 -13.28 -27.26
C TRP D 226 12.20 -12.29 -28.29
N PRO D 227 10.92 -11.93 -28.23
CA PRO D 227 10.39 -10.95 -29.19
C PRO D 227 11.04 -9.60 -29.00
N LEU D 228 11.27 -8.89 -30.12
CA LEU D 228 11.91 -7.59 -30.05
C LEU D 228 11.01 -6.51 -29.46
N THR D 229 9.72 -6.80 -29.25
CA THR D 229 8.81 -5.81 -28.67
C THR D 229 8.80 -5.83 -27.15
N HIS D 230 9.66 -6.64 -26.53
CA HIS D 230 9.71 -6.72 -25.07
C HIS D 230 11.15 -6.70 -24.55
N THR D 231 12.11 -6.23 -25.34
CA THR D 231 13.49 -6.11 -24.91
C THR D 231 13.81 -4.66 -24.59
N ILE D 232 14.80 -4.46 -23.71
CA ILE D 232 15.16 -3.14 -23.20
C ILE D 232 16.51 -2.76 -23.78
N GLY D 233 16.52 -1.74 -24.64
CA GLY D 233 17.77 -1.19 -25.12
C GLY D 233 18.49 -2.04 -26.15
N THR D 234 17.92 -2.15 -27.34
CA THR D 234 18.51 -2.94 -28.42
C THR D 234 19.60 -2.10 -29.07
N SER D 235 20.81 -2.16 -28.50
CA SER D 235 21.96 -1.44 -29.03
C SER D 235 23.22 -2.30 -29.02
N VAL D 236 23.07 -3.61 -29.15
CA VAL D 236 24.19 -4.53 -29.09
C VAL D 236 24.13 -5.46 -30.29
N GLU D 237 25.26 -6.11 -30.55
CA GLU D 237 25.38 -7.14 -31.57
C GLU D 237 25.75 -8.46 -30.93
N GLU D 238 25.95 -9.48 -31.76
CA GLU D 238 26.35 -10.79 -31.26
C GLU D 238 27.81 -10.75 -30.84
N SER D 239 28.32 -11.91 -30.42
CA SER D 239 29.70 -12.10 -29.96
C SER D 239 30.05 -11.25 -28.74
N GLU D 240 29.05 -10.66 -28.08
CA GLU D 240 29.29 -9.87 -26.88
C GLU D 240 28.29 -10.13 -25.76
N MET D 241 27.19 -10.84 -26.04
CA MET D 241 26.22 -11.15 -25.00
C MET D 241 26.68 -12.34 -24.16
N PHE D 242 25.87 -12.68 -23.15
CA PHE D 242 26.11 -13.86 -22.34
C PHE D 242 25.23 -15.03 -22.77
N MET D 243 23.90 -14.83 -22.74
CA MET D 243 22.98 -15.88 -23.13
C MET D 243 22.62 -15.71 -24.61
N PRO D 244 22.95 -16.67 -25.47
CA PRO D 244 22.66 -16.49 -26.89
C PRO D 244 21.17 -16.46 -27.15
N ARG D 245 20.80 -15.75 -28.22
CA ARG D 245 19.38 -15.57 -28.55
C ARG D 245 18.73 -16.86 -29.00
N SER D 246 19.51 -17.86 -29.45
CA SER D 246 18.92 -19.13 -29.87
C SER D 246 18.24 -19.83 -28.70
N ILE D 247 18.89 -19.85 -27.53
CA ILE D 247 18.33 -20.52 -26.37
C ILE D 247 17.14 -19.79 -25.77
N GLY D 248 16.89 -18.56 -26.20
CA GLY D 248 15.78 -17.80 -25.67
C GLY D 248 16.25 -16.66 -24.79
N GLY D 249 17.42 -16.12 -25.10
CA GLY D 249 17.98 -15.03 -24.35
C GLY D 249 17.72 -13.70 -25.02
N PRO D 250 17.42 -12.67 -24.21
CA PRO D 250 17.16 -11.35 -24.78
C PRO D 250 18.39 -10.78 -25.45
N VAL D 251 18.16 -9.98 -26.49
CA VAL D 251 19.21 -9.23 -27.15
C VAL D 251 19.09 -7.78 -26.69
N SER D 252 20.01 -7.35 -25.83
CA SER D 252 19.93 -6.05 -25.20
C SER D 252 21.29 -5.70 -24.61
N SER D 253 21.44 -4.43 -24.23
CA SER D 253 22.65 -4.01 -23.55
C SER D 253 22.67 -4.47 -22.10
N HIS D 254 21.54 -4.93 -21.57
CA HIS D 254 21.47 -5.43 -20.20
C HIS D 254 21.80 -6.91 -20.12
N ASN D 255 22.21 -7.52 -21.23
CA ASN D 255 22.58 -8.93 -21.31
C ASN D 255 24.06 -9.00 -21.68
N HIS D 256 24.93 -8.93 -20.66
CA HIS D 256 26.36 -8.91 -20.87
C HIS D 256 27.06 -9.07 -19.53
N ILE D 257 28.21 -9.74 -19.57
CA ILE D 257 29.11 -9.83 -18.42
C ILE D 257 30.51 -9.55 -18.92
N PRO D 258 31.27 -8.66 -18.26
CA PRO D 258 32.62 -8.33 -18.74
C PRO D 258 33.52 -9.54 -18.78
N GLY D 259 34.35 -9.61 -19.82
CA GLY D 259 35.28 -10.70 -19.99
C GLY D 259 34.68 -11.99 -20.50
N TYR D 260 33.40 -11.98 -20.87
CA TYR D 260 32.73 -13.17 -21.39
C TYR D 260 32.03 -12.84 -22.70
N LYS D 261 32.15 -13.75 -23.66
CA LYS D 261 31.50 -13.63 -24.95
C LYS D 261 30.25 -14.51 -24.96
N VAL D 262 29.63 -14.67 -26.13
CA VAL D 262 28.41 -15.47 -26.23
C VAL D 262 28.70 -16.91 -25.85
N GLN D 263 27.85 -17.47 -25.01
CA GLN D 263 28.03 -18.83 -24.50
C GLN D 263 27.37 -19.86 -25.41
N THR D 264 27.92 -19.97 -26.62
CA THR D 264 27.40 -20.95 -27.58
C THR D 264 27.58 -22.36 -27.05
N ASN D 265 28.79 -22.69 -26.57
CA ASN D 265 29.08 -24.01 -26.02
C ASN D 265 28.92 -24.03 -24.50
N GLY D 266 27.76 -23.58 -24.01
CA GLY D 266 27.52 -23.55 -22.59
C GLY D 266 26.56 -24.63 -22.14
N PRO D 267 26.41 -24.78 -20.83
CA PRO D 267 25.53 -25.84 -20.28
C PRO D 267 24.08 -25.41 -20.25
N TRP D 268 23.51 -25.17 -21.43
CA TRP D 268 22.16 -24.65 -21.55
C TRP D 268 21.13 -25.74 -21.82
N MET D 269 21.53 -27.01 -21.80
CA MET D 269 20.63 -28.14 -22.01
C MET D 269 20.32 -28.86 -20.71
N GLN D 270 20.21 -28.13 -19.61
CA GLN D 270 20.10 -28.71 -18.27
C GLN D 270 18.74 -28.42 -17.65
N VAL D 271 18.57 -28.93 -16.43
CA VAL D 271 17.36 -28.78 -15.62
C VAL D 271 17.37 -27.36 -15.05
N PRO D 272 16.39 -26.96 -14.19
CA PRO D 272 16.46 -25.64 -13.55
C PRO D 272 17.86 -25.17 -13.16
N LEU D 273 18.28 -24.05 -13.71
CA LEU D 273 19.64 -23.55 -13.61
C LEU D 273 19.69 -22.36 -12.64
N GLU D 274 20.89 -21.80 -12.52
CA GLU D 274 21.15 -20.56 -11.79
C GLU D 274 22.59 -20.17 -12.06
N VAL D 275 22.84 -18.87 -12.17
CA VAL D 275 24.17 -18.34 -12.47
C VAL D 275 24.71 -17.65 -11.23
N LYS D 276 25.90 -18.07 -10.79
CA LYS D 276 26.55 -17.53 -9.61
C LYS D 276 27.91 -16.96 -9.99
N ARG D 277 28.29 -15.86 -9.36
CA ARG D 277 29.60 -15.22 -9.58
C ARG D 277 30.59 -15.66 -8.51
N GLU D 278 30.94 -16.94 -8.54
CA GLU D 278 31.85 -17.49 -7.54
C GLU D 278 32.54 -18.71 -8.11
N ALA D 279 33.77 -18.93 -7.67
CA ALA D 279 34.47 -20.16 -8.01
C ALA D 279 33.84 -21.34 -7.29
N CYS D 280 33.83 -22.49 -7.95
CA CYS D 280 33.21 -23.69 -7.40
C CYS D 280 34.05 -24.23 -6.24
N PRO D 281 33.40 -24.97 -5.31
CA PRO D 281 34.09 -25.42 -4.09
C PRO D 281 35.49 -26.00 -4.27
N GLY D 282 35.60 -27.07 -5.05
CA GLY D 282 36.87 -27.77 -5.16
C GLY D 282 37.81 -27.28 -6.22
N THR D 283 37.34 -26.49 -7.18
CA THR D 283 38.16 -26.02 -8.28
C THR D 283 38.69 -24.62 -8.01
N SER D 284 39.66 -24.23 -8.83
CA SER D 284 40.23 -22.88 -8.77
C SER D 284 40.75 -22.52 -10.16
N VAL D 285 40.79 -21.22 -10.42
CA VAL D 285 41.16 -20.70 -11.74
C VAL D 285 42.45 -19.90 -11.60
N ILE D 286 43.44 -20.24 -12.41
CA ILE D 286 44.74 -19.58 -12.41
C ILE D 286 44.86 -18.80 -13.71
N ILE D 287 45.07 -17.48 -13.60
CA ILE D 287 45.17 -16.63 -14.76
C ILE D 287 46.46 -16.91 -15.52
N ASP D 288 46.35 -17.10 -16.83
CA ASP D 288 47.50 -17.40 -17.67
C ASP D 288 47.27 -16.72 -19.02
N GLY D 289 48.13 -17.03 -19.99
CA GLY D 289 48.00 -16.41 -21.29
C GLY D 289 48.26 -17.37 -22.45
N ASN D 290 48.12 -18.66 -22.21
CA ASN D 290 48.36 -19.68 -23.23
C ASN D 290 47.20 -20.66 -23.30
N CYS D 291 45.97 -20.15 -23.32
CA CYS D 291 44.80 -21.00 -23.41
C CYS D 291 44.41 -21.18 -24.87
N ASP D 292 43.44 -22.06 -25.12
CA ASP D 292 43.05 -22.44 -26.48
C ASP D 292 41.87 -21.63 -26.98
N GLY D 293 41.98 -20.31 -26.91
CA GLY D 293 40.93 -19.44 -27.43
C GLY D 293 39.61 -19.66 -26.72
N ARG D 294 38.54 -19.84 -27.50
CA ARG D 294 37.22 -20.03 -26.94
C ARG D 294 37.07 -21.42 -26.31
N GLY D 295 37.26 -22.46 -27.11
CA GLY D 295 37.16 -23.81 -26.57
C GLY D 295 35.71 -24.20 -26.31
N LYS D 296 35.55 -25.18 -25.42
CA LYS D 296 34.24 -25.68 -25.02
C LYS D 296 34.20 -25.86 -23.51
N SER D 297 32.99 -25.78 -22.96
CA SER D 297 32.81 -25.89 -21.52
C SER D 297 33.14 -27.29 -21.03
N THR D 298 33.55 -27.38 -19.76
CA THR D 298 33.90 -28.64 -19.14
C THR D 298 33.24 -28.75 -17.77
N ARG D 299 32.66 -29.92 -17.49
CA ARG D 299 32.06 -30.17 -16.20
C ARG D 299 33.15 -30.25 -15.12
N SER D 300 32.76 -29.89 -13.90
CA SER D 300 33.71 -29.88 -12.79
C SER D 300 34.32 -31.26 -12.55
N THR D 301 33.50 -32.31 -12.59
CA THR D 301 33.96 -33.67 -12.37
C THR D 301 34.14 -34.36 -13.72
N THR D 302 35.38 -34.72 -14.04
CA THR D 302 35.67 -35.39 -15.30
C THR D 302 35.25 -36.86 -15.23
N ASP D 303 35.34 -37.53 -16.38
CA ASP D 303 35.00 -38.95 -16.43
C ASP D 303 35.99 -39.80 -15.66
N SER D 304 37.25 -39.36 -15.55
CA SER D 304 38.28 -40.11 -14.86
C SER D 304 38.12 -40.12 -13.35
N GLY D 305 37.29 -39.25 -12.80
CA GLY D 305 37.08 -39.19 -11.38
C GLY D 305 38.13 -38.43 -10.60
N LYS D 306 39.12 -37.85 -11.27
CA LYS D 306 40.16 -37.09 -10.60
C LYS D 306 39.91 -35.60 -10.81
N VAL D 307 40.01 -34.84 -9.73
CA VAL D 307 39.80 -33.39 -9.78
C VAL D 307 41.03 -32.74 -10.38
N ILE D 308 40.82 -31.77 -11.28
CA ILE D 308 41.89 -31.06 -11.94
C ILE D 308 41.84 -29.60 -11.48
N PRO D 309 42.69 -29.19 -10.54
CA PRO D 309 42.71 -27.79 -10.11
C PRO D 309 43.35 -26.84 -11.11
N GLU D 310 43.85 -27.36 -12.23
CA GLU D 310 44.51 -26.53 -13.24
C GLU D 310 43.45 -25.98 -14.19
N TRP D 311 43.22 -24.66 -14.12
CA TRP D 311 42.31 -23.98 -15.01
C TRP D 311 42.93 -22.64 -15.40
N CYS D 312 42.80 -22.28 -16.68
CA CYS D 312 43.42 -21.07 -17.19
C CYS D 312 42.36 -20.18 -17.83
N CYS D 313 42.60 -18.87 -17.76
CA CYS D 313 41.71 -17.88 -18.32
C CYS D 313 42.53 -16.88 -19.13
N ARG D 314 41.89 -16.24 -20.10
CA ARG D 314 42.55 -15.29 -20.97
C ARG D 314 42.16 -13.85 -20.70
N SER D 315 40.86 -13.54 -20.67
CA SER D 315 40.38 -12.19 -20.40
C SER D 315 39.31 -12.10 -19.33
N CYS D 316 38.87 -13.23 -18.77
CA CYS D 316 37.79 -13.18 -17.80
C CYS D 316 38.27 -12.62 -16.46
N THR D 317 37.33 -12.05 -15.72
CA THR D 317 37.64 -11.53 -14.39
C THR D 317 37.99 -12.67 -13.44
N MET D 318 38.81 -12.35 -12.44
CA MET D 318 39.27 -13.38 -11.52
C MET D 318 38.15 -14.08 -10.74
N PRO D 319 36.98 -13.48 -10.49
CA PRO D 319 35.87 -14.30 -10.00
C PRO D 319 35.19 -15.04 -11.14
N PRO D 320 35.22 -16.37 -11.11
CA PRO D 320 34.57 -17.14 -12.18
C PRO D 320 33.06 -17.16 -12.00
N VAL D 321 32.39 -17.80 -12.95
CA VAL D 321 30.93 -17.93 -12.94
C VAL D 321 30.58 -19.39 -12.74
N SER D 322 29.64 -19.66 -11.84
CA SER D 322 29.27 -21.01 -11.45
C SER D 322 27.79 -21.22 -11.68
N PHE D 323 27.45 -22.42 -12.16
CA PHE D 323 26.06 -22.80 -12.40
C PHE D 323 25.55 -23.73 -11.31
N HIS D 324 24.25 -23.97 -11.33
CA HIS D 324 23.61 -24.89 -10.39
C HIS D 324 22.45 -25.54 -11.12
N GLY D 325 22.72 -26.69 -11.75
CA GLY D 325 21.71 -27.39 -12.51
C GLY D 325 21.56 -28.84 -12.15
N SER D 326 21.65 -29.71 -13.16
CA SER D 326 21.51 -31.15 -12.93
C SER D 326 22.78 -31.75 -12.37
N ASP D 327 23.88 -31.65 -13.11
CA ASP D 327 25.14 -32.28 -12.74
C ASP D 327 26.06 -31.36 -11.95
N GLY D 328 25.63 -30.13 -11.66
CA GLY D 328 26.40 -29.24 -10.82
C GLY D 328 27.19 -28.19 -11.58
N CYS D 329 28.41 -27.93 -11.13
CA CYS D 329 29.25 -26.91 -11.75
C CYS D 329 29.56 -27.25 -13.20
N TRP D 330 29.43 -26.26 -14.07
CA TRP D 330 29.89 -26.35 -15.46
C TRP D 330 30.56 -25.03 -15.78
N TYR D 331 31.89 -25.00 -15.75
CA TYR D 331 32.61 -23.77 -16.02
C TYR D 331 32.43 -23.37 -17.48
N PRO D 332 32.47 -22.07 -17.77
CA PRO D 332 32.25 -21.59 -19.14
C PRO D 332 33.35 -21.99 -20.11
N MET D 333 33.22 -21.54 -21.36
CA MET D 333 34.18 -21.91 -22.39
C MET D 333 35.58 -21.40 -22.08
N GLU D 334 35.68 -20.17 -21.56
CA GLU D 334 36.97 -19.52 -21.38
C GLU D 334 37.81 -20.12 -20.27
N ILE D 335 37.24 -20.95 -19.41
CA ILE D 335 37.97 -21.57 -18.31
C ILE D 335 38.49 -22.91 -18.84
N ARG D 336 39.73 -22.91 -19.34
CA ARG D 336 40.29 -24.09 -19.98
C ARG D 336 41.22 -24.83 -19.02
N PRO D 337 41.23 -26.16 -19.05
CA PRO D 337 42.14 -26.91 -18.17
C PRO D 337 43.45 -27.25 -18.85
N ARG D 338 44.35 -27.92 -18.13
CA ARG D 338 45.62 -28.37 -18.70
C ARG D 338 46.17 -29.56 -17.93
N VAL D 346 29.58 -34.12 -20.32
CA VAL D 346 30.88 -33.51 -20.05
C VAL D 346 31.08 -32.30 -20.95
N ARG D 347 30.55 -32.35 -22.17
CA ARG D 347 30.65 -31.26 -23.12
C ARG D 347 29.27 -30.94 -23.67
N SER D 348 29.00 -29.65 -23.83
CA SER D 348 27.70 -29.21 -24.33
C SER D 348 27.50 -29.65 -25.77
N TRP D 349 26.28 -30.05 -26.09
CA TRP D 349 25.90 -30.51 -27.42
C TRP D 349 24.66 -29.76 -27.90
N VAL D 350 24.67 -28.44 -27.74
CA VAL D 350 23.54 -27.63 -28.18
C VAL D 350 23.38 -27.71 -29.69
N THR D 351 24.50 -27.59 -30.42
CA THR D 351 24.47 -27.66 -31.87
C THR D 351 24.87 -29.05 -32.36
#